data_9CT7
#
_entry.id   9CT7
#
_cell.length_a   47.630
_cell.length_b   101.590
_cell.length_c   66.340
_cell.angle_alpha   90.000
_cell.angle_beta   90.800
_cell.angle_gamma   90.000
#
_symmetry.space_group_name_H-M   'P 1 21 1'
#
loop_
_entity.id
_entity.type
_entity.pdbx_description
1 polymer 'Isoform 2B of GTPase KRas'
2 polymer 'Peptidyl-prolyl cis-trans isomerase A'
3 non-polymer 'PHOSPHOAMINOPHOSPHONIC ACID-GUANYLATE ESTER'
4 non-polymer 'MAGNESIUM ION'
5 non-polymer 'CHLORIDE ION'
6 non-polymer '(2R)-2-cyclopentyl-N-[(1M,8S,10R,14S,21M)-22-ethyl-4-hydroxy-21-{2-[(1R)-1-methoxyethyl]pyridin-3-yl}-18,18-dimethyl-9,15-dioxo-16-oxa-10,22,28-triazapentacyclo[18.5.2.1~2,6~.1~10,14~.0~23,27~]nonacosa-1(25),2(29),3,5,20,23,26-heptaen-8-yl]-2-(N-methylacetamido)acetamide (non-preferred name)'
7 water water
#
loop_
_entity_poly.entity_id
_entity_poly.type
_entity_poly.pdbx_seq_one_letter_code
_entity_poly.pdbx_strand_id
1 'polypeptide(L)'
;SMTEYKLVVVGADGVGKSALTIQLIQNHFVDEYDPTIEDSYRKQVVIDGETCLLDILDTAGQEEYSAMRDQYMRTGEGFL
CVFAINNTKSFEDIHHYREQIKRVKDSEDVPMVLVGNKCDLPSRTVDTKQAQDLARSYGIPFIETSAKTRQGVDDAFYTL
VREIRKHKEK
;
A,B
2 'polypeptide(L)'
;SMVNPTVFFDIAVDGEPLGRVSFELFADKVPKTAENFRALSTGEKGFGYKGSCFHRIIPGFMCQGGDFTRHNGTGGKSIY
GEKFEDENFILKHTGPGILSMANAGPNTNGSQFFICTAKTEWLDGKHVVFGKVKEGMNIVEAMERFGSRNGKTSKKITIA
DCGQLE
;
C,D
#
loop_
_chem_comp.id
_chem_comp.type
_chem_comp.name
_chem_comp.formula
A1AZV non-polymer '(2R)-2-cyclopentyl-N-[(1M,8S,10R,14S,21M)-22-ethyl-4-hydroxy-21-{2-[(1R)-1-methoxyethyl]pyridin-3-yl}-18,18-dimethyl-9,15-dioxo-16-oxa-10,22,28-triazapentacyclo[18.5.2.1~2,6~.1~10,14~.0~23,27~]nonacosa-1(25),2(29),3,5,20,23,26-heptaen-8-yl]-2-(N-methylacetamido)acetamide (non-preferred name)' 'C47 H60 N6 O7'
CL non-polymer 'CHLORIDE ION' 'Cl -1'
GNP non-polymer 'PHOSPHOAMINOPHOSPHONIC ACID-GUANYLATE ESTER' 'C10 H17 N6 O13 P3'
MG non-polymer 'MAGNESIUM ION' 'Mg 2'
#
# COMPACT_ATOMS: atom_id res chain seq x y z
N SER A 1 -11.17 3.62 24.09
CA SER A 1 -10.40 4.17 22.97
C SER A 1 -9.43 3.12 22.41
N MET A 2 -8.35 3.55 21.79
CA MET A 2 -7.41 2.60 21.23
C MET A 2 -5.98 3.12 21.38
N THR A 3 -5.05 2.28 20.96
CA THR A 3 -3.64 2.60 20.89
CA THR A 3 -3.65 2.60 20.90
C THR A 3 -3.15 2.14 19.53
N GLU A 4 -1.91 2.49 19.22
CA GLU A 4 -1.30 2.11 17.95
C GLU A 4 0.11 1.63 18.24
N TYR A 5 0.54 0.57 17.53
CA TYR A 5 1.88 0.01 17.72
C TYR A 5 2.58 -0.11 16.38
N LYS A 6 3.84 0.34 16.34
CA LYS A 6 4.68 0.18 15.16
C LYS A 6 5.49 -1.10 15.32
N LEU A 7 5.10 -2.14 14.59
CA LEU A 7 5.79 -3.42 14.61
C LEU A 7 6.66 -3.55 13.36
N VAL A 8 7.85 -4.07 13.54
CA VAL A 8 8.80 -4.23 12.44
C VAL A 8 9.19 -5.70 12.37
N VAL A 9 9.04 -6.30 11.20
CA VAL A 9 9.34 -7.70 10.98
C VAL A 9 10.70 -7.78 10.29
N VAL A 10 11.66 -8.45 10.94
CA VAL A 10 13.02 -8.56 10.43
C VAL A 10 13.43 -10.03 10.42
N GLY A 11 14.48 -10.31 9.65
CA GLY A 11 14.98 -11.67 9.53
C GLY A 11 15.55 -11.89 8.14
N ALA A 12 16.29 -12.99 8.00
CA ALA A 12 17.03 -13.25 6.77
C ALA A 12 16.09 -13.50 5.59
N ASP A 13 16.65 -13.39 4.39
CA ASP A 13 15.90 -13.60 3.16
C ASP A 13 15.20 -14.96 3.20
N GLY A 14 13.91 -14.96 2.85
CA GLY A 14 13.15 -16.17 2.66
C GLY A 14 12.67 -16.88 3.91
N VAL A 15 12.83 -16.30 5.10
CA VAL A 15 12.40 -17.00 6.31
C VAL A 15 10.87 -17.01 6.45
N GLY A 16 10.16 -16.16 5.73
CA GLY A 16 8.72 -16.07 5.82
C GLY A 16 8.17 -14.80 6.45
N LYS A 17 8.93 -13.70 6.45
CA LYS A 17 8.45 -12.45 7.03
C LYS A 17 7.15 -12.00 6.37
N SER A 18 7.15 -11.97 5.03
CA SER A 18 5.97 -11.51 4.30
C SER A 18 4.82 -12.50 4.42
N ALA A 19 5.11 -13.80 4.34
CA ALA A 19 4.05 -14.80 4.49
C ALA A 19 3.38 -14.69 5.85
N LEU A 20 4.15 -14.45 6.91
CA LEU A 20 3.56 -14.25 8.22
C LEU A 20 2.67 -13.02 8.23
N THR A 21 3.20 -11.91 7.69
CA THR A 21 2.45 -10.65 7.67
C THR A 21 1.18 -10.80 6.84
N ILE A 22 1.27 -11.45 5.68
CA ILE A 22 0.11 -11.60 4.82
C ILE A 22 -0.95 -12.51 5.47
N GLN A 23 -0.52 -13.52 6.23
CA GLN A 23 -1.49 -14.30 6.98
C GLN A 23 -2.22 -13.43 8.01
N LEU A 24 -1.47 -12.59 8.72
CA LEU A 24 -2.12 -11.71 9.71
C LEU A 24 -3.09 -10.75 9.03
N ILE A 25 -2.69 -10.18 7.89
CA ILE A 25 -3.48 -9.11 7.27
C ILE A 25 -4.59 -9.68 6.42
N GLN A 26 -4.27 -10.65 5.58
CA GLN A 26 -5.16 -11.11 4.51
C GLN A 26 -5.66 -12.53 4.71
N ASN A 27 -5.22 -13.22 5.76
N ASN A 27 -5.22 -13.22 5.76
CA ASN A 27 -5.74 -14.54 6.12
CA ASN A 27 -5.75 -14.54 6.14
C ASN A 27 -5.60 -15.57 5.00
C ASN A 27 -5.56 -15.60 5.04
N HIS A 28 -4.48 -15.51 4.29
CA HIS A 28 -4.18 -16.51 3.28
C HIS A 28 -2.67 -16.70 3.20
N PHE A 29 -2.26 -17.87 2.74
CA PHE A 29 -0.85 -18.22 2.68
C PHE A 29 -0.32 -18.02 1.26
N VAL A 30 0.68 -17.16 1.12
CA VAL A 30 1.35 -16.93 -0.15
C VAL A 30 2.31 -18.10 -0.39
N ASP A 31 2.00 -18.95 -1.36
CA ASP A 31 2.84 -20.11 -1.64
C ASP A 31 4.12 -19.72 -2.39
N GLU A 32 4.08 -18.65 -3.16
CA GLU A 32 5.22 -18.24 -3.97
C GLU A 32 6.12 -17.28 -3.21
N TYR A 33 7.36 -17.15 -3.69
CA TYR A 33 8.33 -16.23 -3.09
C TYR A 33 8.34 -14.96 -3.92
N ASP A 34 7.92 -13.85 -3.30
CA ASP A 34 7.96 -12.53 -3.92
C ASP A 34 8.89 -11.68 -3.06
N PRO A 35 10.17 -11.59 -3.40
CA PRO A 35 11.13 -10.91 -2.52
C PRO A 35 10.77 -9.45 -2.26
N THR A 36 10.75 -9.07 -0.98
CA THR A 36 10.30 -7.75 -0.56
C THR A 36 11.38 -6.70 -0.77
N ILE A 37 10.96 -5.52 -1.17
CA ILE A 37 11.77 -4.31 -1.01
C ILE A 37 11.34 -3.69 0.31
N GLU A 38 10.07 -3.28 0.39
CA GLU A 38 9.53 -2.77 1.64
C GLU A 38 8.03 -2.67 1.51
N ASP A 39 7.28 -3.12 2.52
CA ASP A 39 5.84 -2.98 2.50
C ASP A 39 5.32 -2.68 3.89
N SER A 40 4.21 -1.95 3.95
CA SER A 40 3.59 -1.56 5.22
C SER A 40 2.11 -1.91 5.19
N TYR A 41 1.58 -2.30 6.35
CA TYR A 41 0.19 -2.74 6.48
C TYR A 41 -0.36 -2.21 7.79
N ARG A 42 -1.69 -2.11 7.84
CA ARG A 42 -2.39 -1.67 9.03
C ARG A 42 -3.53 -2.62 9.30
N LYS A 43 -3.78 -2.90 10.57
CA LYS A 43 -4.87 -3.78 10.96
C LYS A 43 -5.34 -3.38 12.35
N GLN A 44 -6.64 -3.29 12.54
CA GLN A 44 -7.23 -3.03 13.84
C GLN A 44 -7.60 -4.36 14.47
N VAL A 45 -7.12 -4.61 15.69
CA VAL A 45 -7.34 -5.86 16.39
C VAL A 45 -7.65 -5.53 17.85
N VAL A 46 -8.18 -6.51 18.56
CA VAL A 46 -8.34 -6.40 20.00
C VAL A 46 -7.41 -7.41 20.64
N ILE A 47 -6.51 -6.93 21.48
CA ILE A 47 -5.55 -7.79 22.19
C ILE A 47 -5.73 -7.57 23.68
N ASP A 48 -6.02 -8.65 24.40
CA ASP A 48 -6.27 -8.58 25.84
C ASP A 48 -7.32 -7.52 26.18
N GLY A 49 -8.39 -7.51 25.38
CA GLY A 49 -9.48 -6.58 25.59
C GLY A 49 -9.21 -5.15 25.19
N GLU A 50 -8.02 -4.81 24.70
CA GLU A 50 -7.63 -3.44 24.36
CA GLU A 50 -7.67 -3.44 24.36
C GLU A 50 -7.53 -3.32 22.85
N THR A 51 -8.32 -2.43 22.26
CA THR A 51 -8.29 -2.25 20.82
C THR A 51 -7.01 -1.55 20.41
N CYS A 52 -6.40 -2.03 19.34
CA CYS A 52 -5.25 -1.27 18.86
C CYS A 52 -5.14 -1.37 17.35
N LEU A 53 -4.40 -0.41 16.82
CA LEU A 53 -4.06 -0.35 15.41
C LEU A 53 -2.64 -0.84 15.29
N LEU A 54 -2.44 -1.92 14.53
CA LEU A 54 -1.10 -2.43 14.28
C LEU A 54 -0.58 -1.81 12.99
N ASP A 55 0.57 -1.16 13.06
CA ASP A 55 1.30 -0.72 11.87
C ASP A 55 2.43 -1.72 11.69
N ILE A 56 2.38 -2.50 10.61
CA ILE A 56 3.39 -3.53 10.38
C ILE A 56 4.26 -3.12 9.23
N LEU A 57 5.55 -3.00 9.52
CA LEU A 57 6.57 -2.74 8.51
C LEU A 57 7.22 -4.07 8.16
N ASP A 58 7.02 -4.54 6.93
CA ASP A 58 7.58 -5.79 6.43
C ASP A 58 8.86 -5.44 5.69
N THR A 59 10.01 -5.76 6.31
CA THR A 59 11.29 -5.37 5.74
C THR A 59 11.86 -6.49 4.88
N ALA A 60 12.81 -6.13 4.02
CA ALA A 60 13.55 -7.11 3.24
C ALA A 60 14.62 -7.74 4.11
N GLY A 61 14.99 -8.98 3.79
CA GLY A 61 16.05 -9.64 4.55
C GLY A 61 17.42 -9.02 4.39
N GLN A 62 17.62 -8.22 3.36
CA GLN A 62 18.94 -7.68 3.08
C GLN A 62 19.40 -6.79 4.22
N GLU A 63 20.72 -6.72 4.43
CA GLU A 63 21.24 -5.93 5.53
C GLU A 63 22.16 -4.79 5.09
N GLU A 64 22.32 -4.57 3.80
CA GLU A 64 22.92 -3.33 3.36
C GLU A 64 21.95 -2.18 3.63
N TYR A 65 22.31 -0.98 3.18
CA TYR A 65 21.48 0.20 3.39
C TYR A 65 21.26 0.44 4.88
N SER A 66 22.38 0.61 5.58
CA SER A 66 22.33 0.74 7.04
C SER A 66 21.53 1.96 7.46
N ALA A 67 21.58 3.05 6.68
CA ALA A 67 20.83 4.25 7.04
C ALA A 67 19.33 3.96 7.08
N MET A 68 18.81 3.27 6.07
CA MET A 68 17.41 2.88 6.08
C MET A 68 17.10 1.90 7.19
N ARG A 69 17.96 0.90 7.40
CA ARG A 69 17.69 -0.08 8.44
C ARG A 69 17.74 0.53 9.83
N ASP A 70 18.70 1.44 10.07
CA ASP A 70 18.70 2.15 11.34
C ASP A 70 17.40 2.92 11.55
N GLN A 71 16.87 3.54 10.49
CA GLN A 71 15.63 4.28 10.64
C GLN A 71 14.47 3.35 10.96
N TYR A 72 14.41 2.18 10.30
CA TYR A 72 13.38 1.21 10.64
C TYR A 72 13.40 0.93 12.14
N MET A 73 14.60 0.80 12.70
CA MET A 73 14.72 0.42 14.09
C MET A 73 14.43 1.59 15.03
N ARG A 74 14.82 2.80 14.65
CA ARG A 74 14.49 3.97 15.44
C ARG A 74 12.98 4.14 15.58
N THR A 75 12.25 4.01 14.48
CA THR A 75 10.81 4.24 14.50
C THR A 75 10.04 3.05 15.09
N GLY A 76 10.54 1.84 14.90
CA GLY A 76 9.82 0.67 15.37
C GLY A 76 9.74 0.63 16.89
N GLU A 77 8.61 0.18 17.39
CA GLU A 77 8.42 -0.03 18.82
C GLU A 77 8.66 -1.45 19.25
N GLY A 78 8.44 -2.41 18.37
CA GLY A 78 8.69 -3.80 18.69
C GLY A 78 9.08 -4.53 17.43
N PHE A 79 9.85 -5.60 17.61
CA PHE A 79 10.50 -6.29 16.49
C PHE A 79 10.18 -7.78 16.54
N LEU A 80 9.63 -8.29 15.45
CA LEU A 80 9.48 -9.73 15.24
CA LEU A 80 9.47 -9.72 15.24
C LEU A 80 10.74 -10.19 14.53
N CYS A 81 11.56 -10.96 15.23
CA CYS A 81 12.84 -11.41 14.70
C CYS A 81 12.62 -12.84 14.24
N VAL A 82 12.53 -13.03 12.93
CA VAL A 82 12.09 -14.29 12.34
C VAL A 82 13.30 -15.06 11.81
N PHE A 83 13.36 -16.34 12.11
CA PHE A 83 14.23 -17.27 11.41
C PHE A 83 13.36 -18.43 10.94
N ALA A 84 13.91 -19.28 10.09
CA ALA A 84 13.20 -20.45 9.62
C ALA A 84 13.81 -21.68 10.28
N ILE A 85 12.95 -22.59 10.74
CA ILE A 85 13.45 -23.74 11.48
C ILE A 85 14.24 -24.70 10.62
N ASN A 86 14.21 -24.54 9.29
CA ASN A 86 15.01 -25.37 8.40
C ASN A 86 16.17 -24.60 7.78
N ASN A 87 16.60 -23.51 8.45
CA ASN A 87 17.67 -22.66 7.93
C ASN A 87 18.51 -22.21 9.13
N THR A 88 19.58 -22.95 9.40
CA THR A 88 20.41 -22.66 10.57
C THR A 88 21.08 -21.30 10.45
N LYS A 89 21.54 -20.95 9.25
CA LYS A 89 22.12 -19.62 9.04
C LYS A 89 21.15 -18.53 9.47
N SER A 90 19.86 -18.66 9.12
CA SER A 90 18.91 -17.63 9.51
C SER A 90 18.79 -17.53 11.03
N PHE A 91 18.92 -18.66 11.72
CA PHE A 91 18.92 -18.63 13.18
C PHE A 91 20.20 -17.99 13.72
N GLU A 92 21.35 -18.32 13.12
CA GLU A 92 22.60 -17.69 13.52
C GLU A 92 22.58 -16.19 13.28
N ASP A 93 21.77 -15.72 12.32
CA ASP A 93 21.70 -14.29 12.04
C ASP A 93 20.95 -13.51 13.12
N ILE A 94 20.23 -14.20 14.01
CA ILE A 94 19.32 -13.50 14.91
C ILE A 94 20.07 -12.52 15.80
N HIS A 95 21.22 -12.92 16.35
CA HIS A 95 21.88 -12.06 17.33
C HIS A 95 22.32 -10.75 16.70
N HIS A 96 22.63 -10.75 15.40
CA HIS A 96 22.97 -9.50 14.72
C HIS A 96 21.81 -8.52 14.75
N TYR A 97 20.59 -9.02 14.55
CA TYR A 97 19.43 -8.14 14.63
C TYR A 97 19.25 -7.57 16.03
N ARG A 98 19.38 -8.41 17.06
CA ARG A 98 19.20 -7.92 18.41
C ARG A 98 20.27 -6.89 18.77
N GLU A 99 21.51 -7.14 18.36
CA GLU A 99 22.56 -6.17 18.65
C GLU A 99 22.34 -4.85 17.91
N GLN A 100 21.88 -4.92 16.65
CA GLN A 100 21.62 -3.70 15.90
C GLN A 100 20.44 -2.93 16.47
N ILE A 101 19.41 -3.64 16.92
CA ILE A 101 18.26 -2.98 17.53
C ILE A 101 18.64 -2.30 18.84
N LYS A 102 19.39 -3.00 19.69
CA LYS A 102 19.85 -2.41 20.95
C LYS A 102 20.71 -1.18 20.71
N ARG A 103 21.54 -1.22 19.66
CA ARG A 103 22.44 -0.10 19.38
C ARG A 103 21.65 1.11 18.88
N VAL A 104 20.79 0.89 17.88
CA VAL A 104 20.05 2.00 17.27
C VAL A 104 19.15 2.67 18.30
N LYS A 105 18.51 1.87 19.16
CA LYS A 105 17.55 2.38 20.12
C LYS A 105 18.18 2.68 21.48
N ASP A 106 19.49 2.48 21.61
CA ASP A 106 20.25 2.87 22.79
C ASP A 106 19.65 2.27 24.06
N SER A 107 19.47 0.96 24.05
CA SER A 107 18.80 0.30 25.15
C SER A 107 19.07 -1.19 25.13
N GLU A 108 19.20 -1.78 26.31
CA GLU A 108 19.33 -3.23 26.42
C GLU A 108 17.98 -3.95 26.53
N ASP A 109 16.88 -3.20 26.60
CA ASP A 109 15.53 -3.76 26.78
C ASP A 109 14.64 -3.18 25.69
N VAL A 110 14.55 -3.85 24.55
CA VAL A 110 13.70 -3.43 23.45
C VAL A 110 12.68 -4.54 23.21
N PRO A 111 11.39 -4.22 23.05
CA PRO A 111 10.39 -5.27 22.82
C PRO A 111 10.70 -6.08 21.57
N MET A 112 10.80 -7.40 21.75
CA MET A 112 11.16 -8.32 20.68
C MET A 112 10.53 -9.67 20.95
N VAL A 113 10.25 -10.40 19.88
CA VAL A 113 9.80 -11.77 19.93
C VAL A 113 10.62 -12.55 18.93
N LEU A 114 11.17 -13.68 19.36
CA LEU A 114 11.88 -14.58 18.47
C LEU A 114 10.86 -15.52 17.85
N VAL A 115 10.83 -15.58 16.52
CA VAL A 115 9.86 -16.40 15.80
C VAL A 115 10.61 -17.44 15.00
N GLY A 116 10.29 -18.71 15.24
CA GLY A 116 10.80 -19.79 14.41
C GLY A 116 9.73 -20.26 13.45
N ASN A 117 9.83 -19.84 12.20
CA ASN A 117 8.79 -20.06 11.21
C ASN A 117 9.07 -21.32 10.38
N LYS A 118 8.04 -21.72 9.61
CA LYS A 118 8.08 -22.91 8.76
C LYS A 118 8.04 -24.21 9.57
N CYS A 119 7.38 -24.18 10.72
CA CYS A 119 7.33 -25.37 11.58
CA CYS A 119 7.33 -25.37 11.57
C CYS A 119 6.53 -26.52 10.98
N ASP A 120 5.81 -26.28 9.89
CA ASP A 120 5.13 -27.37 9.20
C ASP A 120 6.07 -28.24 8.40
N LEU A 121 7.36 -27.80 8.19
CA LEU A 121 8.22 -28.53 7.27
C LEU A 121 8.98 -29.65 7.97
N PRO A 122 9.25 -30.74 7.24
CA PRO A 122 9.94 -31.91 7.82
C PRO A 122 11.46 -31.79 7.82
N SER A 123 11.99 -30.65 7.41
CA SER A 123 13.42 -30.47 7.16
C SER A 123 14.11 -29.67 8.25
N ARG A 124 13.64 -29.78 9.50
CA ARG A 124 14.15 -28.96 10.59
C ARG A 124 15.65 -29.12 10.79
N THR A 125 16.35 -28.01 10.97
CA THR A 125 17.76 -28.01 11.35
C THR A 125 18.01 -27.27 12.67
N VAL A 126 17.04 -26.52 13.18
CA VAL A 126 17.18 -25.78 14.43
C VAL A 126 16.22 -26.38 15.44
N ASP A 127 16.77 -26.91 16.53
CA ASP A 127 15.95 -27.52 17.56
C ASP A 127 15.16 -26.47 18.34
N THR A 128 13.93 -26.83 18.72
CA THR A 128 13.12 -25.94 19.54
C THR A 128 13.87 -25.53 20.80
N LYS A 129 14.55 -26.48 21.45
CA LYS A 129 15.31 -26.18 22.66
C LYS A 129 16.39 -25.15 22.38
N GLN A 130 17.05 -25.25 21.23
CA GLN A 130 18.07 -24.28 20.85
C GLN A 130 17.49 -22.88 20.79
N ALA A 131 16.31 -22.73 20.18
CA ALA A 131 15.68 -21.42 20.06
C ALA A 131 15.12 -20.96 21.41
N GLN A 132 14.55 -21.88 22.19
CA GLN A 132 14.09 -21.52 23.54
C GLN A 132 15.24 -21.02 24.39
N ASP A 133 16.41 -21.67 24.30
CA ASP A 133 17.55 -21.26 25.09
C ASP A 133 18.04 -19.87 24.68
N LEU A 134 18.06 -19.60 23.38
CA LEU A 134 18.46 -18.26 22.92
C LEU A 134 17.46 -17.22 23.41
N ALA A 135 16.17 -17.49 23.27
CA ALA A 135 15.18 -16.52 23.72
C ALA A 135 15.28 -16.29 25.22
N ARG A 136 15.51 -17.34 25.99
CA ARG A 136 15.66 -17.18 27.44
C ARG A 136 16.86 -16.27 27.76
N SER A 137 17.96 -16.45 27.05
CA SER A 137 19.15 -15.63 27.28
C SER A 137 18.90 -14.16 26.95
N TYR A 138 17.93 -13.85 26.09
CA TYR A 138 17.55 -12.48 25.80
C TYR A 138 16.45 -11.97 26.73
N GLY A 139 15.79 -12.88 27.45
CA GLY A 139 14.60 -12.49 28.20
C GLY A 139 13.42 -12.15 27.33
N ILE A 140 13.27 -12.78 26.18
CA ILE A 140 12.18 -12.48 25.26
C ILE A 140 11.40 -13.75 24.99
N PRO A 141 10.15 -13.63 24.51
CA PRO A 141 9.38 -14.81 24.15
C PRO A 141 9.89 -15.47 22.87
N PHE A 142 9.66 -16.78 22.79
CA PHE A 142 9.90 -17.54 21.57
C PHE A 142 8.60 -18.21 21.14
N ILE A 143 8.25 -18.04 19.87
CA ILE A 143 7.02 -18.60 19.30
C ILE A 143 7.38 -19.36 18.03
N GLU A 144 6.98 -20.62 17.93
CA GLU A 144 7.07 -21.37 16.68
C GLU A 144 5.82 -21.08 15.84
N THR A 145 6.01 -20.81 14.56
CA THR A 145 4.91 -20.47 13.66
C THR A 145 4.99 -21.26 12.37
N SER A 146 3.84 -21.34 11.70
CA SER A 146 3.79 -21.72 10.28
C SER A 146 2.86 -20.74 9.59
N ALA A 147 3.41 -19.92 8.69
CA ALA A 147 2.55 -19.11 7.84
C ALA A 147 1.69 -19.98 6.93
N LYS A 148 2.12 -21.20 6.63
CA LYS A 148 1.34 -22.06 5.75
C LYS A 148 0.06 -22.54 6.43
N THR A 149 0.16 -23.06 7.66
CA THR A 149 -1.00 -23.56 8.38
C THR A 149 -1.68 -22.51 9.23
N ARG A 150 -1.06 -21.35 9.40
CA ARG A 150 -1.46 -20.24 10.25
C ARG A 150 -1.13 -20.49 11.73
N GLN A 151 -0.52 -21.62 12.08
CA GLN A 151 -0.18 -21.90 13.48
C GLN A 151 0.70 -20.80 14.05
N GLY A 152 0.28 -20.24 15.18
CA GLY A 152 1.08 -19.29 15.93
C GLY A 152 1.17 -17.90 15.34
N VAL A 153 0.53 -17.63 14.20
CA VAL A 153 0.70 -16.33 13.55
C VAL A 153 0.15 -15.20 14.41
N ASP A 154 -1.14 -15.28 14.78
CA ASP A 154 -1.70 -14.25 15.67
C ASP A 154 -0.90 -14.17 16.96
N ASP A 155 -0.54 -15.33 17.51
CA ASP A 155 0.22 -15.38 18.77
C ASP A 155 1.51 -14.58 18.68
N ALA A 156 2.24 -14.73 17.57
CA ALA A 156 3.51 -14.01 17.43
C ALA A 156 3.31 -12.51 17.48
N PHE A 157 2.36 -11.99 16.69
CA PHE A 157 2.13 -10.55 16.66
C PHE A 157 1.51 -10.04 17.95
N TYR A 158 0.56 -10.80 18.52
CA TYR A 158 -0.07 -10.34 19.75
C TYR A 158 0.91 -10.36 20.92
N THR A 159 1.78 -11.38 20.96
CA THR A 159 2.80 -11.43 22.00
C THR A 159 3.73 -10.23 21.89
N LEU A 160 4.07 -9.84 20.66
CA LEU A 160 4.92 -8.66 20.49
C LEU A 160 4.24 -7.42 21.04
N VAL A 161 2.93 -7.27 20.79
CA VAL A 161 2.20 -6.14 21.37
C VAL A 161 2.24 -6.20 22.90
N ARG A 162 2.07 -7.40 23.48
CA ARG A 162 2.18 -7.53 24.93
C ARG A 162 3.56 -7.12 25.42
N GLU A 163 4.60 -7.46 24.65
CA GLU A 163 5.95 -7.07 25.05
C GLU A 163 6.12 -5.56 25.02
N ILE A 164 5.57 -4.89 24.01
CA ILE A 164 5.63 -3.42 23.99
C ILE A 164 4.92 -2.85 25.20
N ARG A 165 3.71 -3.34 25.47
CA ARG A 165 2.93 -2.83 26.60
C ARG A 165 3.67 -3.04 27.92
N LYS A 166 4.27 -4.22 28.11
CA LYS A 166 5.07 -4.46 29.31
C LYS A 166 6.23 -3.47 29.39
N HIS A 167 6.87 -3.21 28.25
CA HIS A 167 7.98 -2.26 28.24
C HIS A 167 7.51 -0.85 28.59
N LYS A 168 6.33 -0.45 28.11
CA LYS A 168 5.84 0.89 28.40
C LYS A 168 5.47 1.06 29.87
N GLU A 169 5.21 -0.05 30.58
CA GLU A 169 4.87 0.03 32.00
C GLU A 169 6.09 0.36 32.85
N LYS A 170 7.29 0.06 32.38
CA LYS A 170 8.50 0.32 33.16
C LYS A 170 8.74 1.81 33.39
N SER B 1 22.75 10.43 8.61
CA SER B 1 21.57 9.59 8.79
C SER B 1 20.31 10.35 8.40
N MET B 2 19.16 9.75 8.70
CA MET B 2 17.89 10.37 8.34
C MET B 2 17.01 10.53 9.57
N THR B 3 15.88 11.19 9.36
CA THR B 3 14.86 11.38 10.37
C THR B 3 13.52 11.08 9.71
N GLU B 4 12.60 10.50 10.47
CA GLU B 4 11.27 10.16 9.98
C GLU B 4 10.24 11.11 10.57
N TYR B 5 9.25 11.50 9.75
CA TYR B 5 8.20 12.43 10.15
C TYR B 5 6.84 11.81 9.84
N LYS B 6 5.97 11.79 10.84
CA LYS B 6 4.62 11.25 10.70
C LYS B 6 3.67 12.41 10.45
N LEU B 7 3.32 12.60 9.18
CA LEU B 7 2.45 13.69 8.75
C LEU B 7 1.05 13.15 8.52
N VAL B 8 0.05 13.93 8.90
CA VAL B 8 -1.34 13.53 8.75
C VAL B 8 -2.07 14.64 8.01
N VAL B 9 -2.75 14.27 6.91
CA VAL B 9 -3.48 15.23 6.08
C VAL B 9 -4.97 15.12 6.40
N VAL B 10 -5.56 16.23 6.82
CA VAL B 10 -6.95 16.26 7.27
C VAL B 10 -7.66 17.42 6.59
N GLY B 11 -8.99 17.36 6.62
CA GLY B 11 -9.79 18.36 5.95
C GLY B 11 -11.06 17.77 5.34
N ALA B 12 -11.99 18.64 4.97
CA ALA B 12 -13.31 18.20 4.55
C ALA B 12 -13.26 17.36 3.27
N ASP B 13 -14.35 16.62 3.01
CA ASP B 13 -14.48 15.84 1.79
C ASP B 13 -14.18 16.70 0.57
N GLY B 14 -13.35 16.16 -0.33
CA GLY B 14 -13.18 16.74 -1.65
C GLY B 14 -12.26 17.93 -1.73
N VAL B 15 -11.61 18.33 -0.63
CA VAL B 15 -10.77 19.52 -0.68
C VAL B 15 -9.47 19.27 -1.42
N GLY B 16 -9.08 18.02 -1.64
CA GLY B 16 -7.85 17.72 -2.37
C GLY B 16 -6.75 17.12 -1.51
N LYS B 17 -7.11 16.47 -0.41
CA LYS B 17 -6.11 15.82 0.44
C LYS B 17 -5.32 14.77 -0.33
N SER B 18 -6.03 13.89 -1.04
CA SER B 18 -5.35 12.83 -1.78
C SER B 18 -4.59 13.38 -2.97
N ALA B 19 -5.19 14.35 -3.68
CA ALA B 19 -4.52 14.94 -4.82
C ALA B 19 -3.20 15.60 -4.40
N LEU B 20 -3.20 16.28 -3.26
CA LEU B 20 -1.97 16.88 -2.74
C LEU B 20 -0.94 15.80 -2.42
N THR B 21 -1.37 14.75 -1.72
CA THR B 21 -0.45 13.70 -1.32
C THR B 21 0.12 12.97 -2.53
N ILE B 22 -0.74 12.66 -3.51
CA ILE B 22 -0.26 11.95 -4.69
CA ILE B 22 -0.28 11.96 -4.71
C ILE B 22 0.69 12.82 -5.51
N GLN B 23 0.47 14.14 -5.55
CA GLN B 23 1.43 15.00 -6.23
C GLN B 23 2.79 14.93 -5.54
N LEU B 24 2.80 15.01 -4.22
CA LEU B 24 4.07 14.94 -3.52
C LEU B 24 4.76 13.59 -3.73
N ILE B 25 3.98 12.51 -3.66
CA ILE B 25 4.56 11.16 -3.67
C ILE B 25 4.83 10.69 -5.09
N GLN B 26 3.91 10.94 -6.02
CA GLN B 26 3.99 10.38 -7.37
C GLN B 26 4.14 11.42 -8.46
N ASN B 27 4.13 12.72 -8.13
CA ASN B 27 4.42 13.79 -9.09
C ASN B 27 3.44 13.80 -10.26
N HIS B 28 2.16 13.54 -9.98
CA HIS B 28 1.15 13.66 -11.01
C HIS B 28 -0.18 13.99 -10.36
N PHE B 29 -1.08 14.58 -11.15
CA PHE B 29 -2.36 15.06 -10.65
C PHE B 29 -3.46 14.07 -11.03
N VAL B 30 -4.28 13.70 -10.05
CA VAL B 30 -5.23 12.60 -10.22
C VAL B 30 -6.35 12.98 -11.19
N ASP B 31 -6.98 14.14 -10.97
CA ASP B 31 -8.09 14.64 -11.77
C ASP B 31 -9.43 13.99 -11.42
N GLU B 32 -9.46 12.67 -11.30
CA GLU B 32 -10.68 12.00 -10.88
C GLU B 32 -10.82 12.06 -9.36
N TYR B 33 -12.05 11.87 -8.89
CA TYR B 33 -12.34 11.85 -7.46
C TYR B 33 -12.54 10.39 -7.04
N ASP B 34 -11.59 9.87 -6.27
CA ASP B 34 -11.65 8.51 -5.71
C ASP B 34 -11.72 8.70 -4.21
N PRO B 35 -12.92 8.73 -3.62
CA PRO B 35 -13.02 9.09 -2.20
C PRO B 35 -12.24 8.13 -1.32
N THR B 36 -11.49 8.70 -0.38
CA THR B 36 -10.58 7.93 0.44
C THR B 36 -11.30 7.28 1.60
N ILE B 37 -10.89 6.05 1.93
CA ILE B 37 -11.18 5.47 3.23
C ILE B 37 -9.99 5.81 4.13
N GLU B 38 -8.82 5.30 3.76
CA GLU B 38 -7.57 5.60 4.45
C GLU B 38 -6.40 5.10 3.60
N ASP B 39 -5.39 5.95 3.41
CA ASP B 39 -4.20 5.52 2.67
C ASP B 39 -2.97 6.08 3.35
N SER B 40 -1.84 5.36 3.20
CA SER B 40 -0.57 5.74 3.79
C SER B 40 0.52 5.64 2.73
N TYR B 41 1.45 6.59 2.76
CA TYR B 41 2.54 6.65 1.78
C TYR B 41 3.83 6.95 2.51
N ARG B 42 4.94 6.51 1.92
CA ARG B 42 6.27 6.79 2.45
C ARG B 42 7.15 7.25 1.30
N LYS B 43 8.00 8.24 1.58
CA LYS B 43 8.91 8.76 0.56
CA LYS B 43 8.90 8.77 0.56
C LYS B 43 10.10 9.37 1.25
N GLN B 44 11.29 9.10 0.73
CA GLN B 44 12.50 9.70 1.23
C GLN B 44 12.74 10.99 0.43
N VAL B 45 12.98 12.10 1.14
CA VAL B 45 13.24 13.39 0.51
C VAL B 45 14.35 14.08 1.29
N VAL B 46 14.97 15.07 0.65
CA VAL B 46 15.97 15.90 1.31
C VAL B 46 15.33 17.27 1.52
N ILE B 47 15.27 17.70 2.78
CA ILE B 47 14.71 19.00 3.13
C ILE B 47 15.78 19.77 3.87
N ASP B 48 16.19 20.90 3.31
CA ASP B 48 17.22 21.74 3.91
C ASP B 48 18.49 20.94 4.19
N GLY B 49 18.88 20.11 3.21
CA GLY B 49 20.11 19.35 3.31
C GLY B 49 20.04 18.12 4.20
N GLU B 50 18.90 17.85 4.82
CA GLU B 50 18.76 16.71 5.72
C GLU B 50 17.86 15.67 5.06
N THR B 51 18.27 14.40 5.11
CA THR B 51 17.46 13.34 4.53
C THR B 51 16.29 13.03 5.46
N CYS B 52 15.08 13.05 4.91
CA CYS B 52 13.86 12.84 5.68
C CYS B 52 13.06 11.70 5.07
N LEU B 53 12.48 10.88 5.93
CA LEU B 53 11.54 9.84 5.53
C LEU B 53 10.17 10.35 5.94
N LEU B 54 9.36 10.70 4.95
CA LEU B 54 8.01 11.21 5.22
C LEU B 54 7.04 10.05 5.22
N ASP B 55 6.32 9.87 6.33
CA ASP B 55 5.16 8.99 6.37
C ASP B 55 3.95 9.89 6.27
N ILE B 56 3.10 9.65 5.28
CA ILE B 56 1.95 10.51 5.07
C ILE B 56 0.70 9.67 5.23
N LEU B 57 -0.13 10.03 6.20
CA LEU B 57 -1.42 9.40 6.41
C LEU B 57 -2.47 10.28 5.75
N ASP B 58 -3.09 9.77 4.68
CA ASP B 58 -4.09 10.50 3.91
C ASP B 58 -5.45 10.07 4.42
N THR B 59 -6.11 10.94 5.19
CA THR B 59 -7.34 10.57 5.86
C THR B 59 -8.55 10.90 4.98
N ALA B 60 -9.68 10.30 5.32
CA ALA B 60 -10.94 10.65 4.68
C ALA B 60 -11.49 11.93 5.29
N GLY B 61 -12.27 12.67 4.49
CA GLY B 61 -12.93 13.86 5.01
C GLY B 61 -14.03 13.60 6.03
N GLN B 62 -14.47 12.34 6.19
CA GLN B 62 -15.59 12.06 7.08
C GLN B 62 -15.29 12.50 8.51
N GLU B 63 -16.36 12.74 9.27
CA GLU B 63 -16.19 13.14 10.66
C GLU B 63 -16.95 12.24 11.63
N GLU B 64 -17.26 11.00 11.23
CA GLU B 64 -18.19 10.18 12.00
C GLU B 64 -17.53 9.23 12.99
N TYR B 65 -16.28 8.84 12.78
CA TYR B 65 -15.65 7.78 13.56
C TYR B 65 -14.57 8.39 14.46
N SER B 66 -15.01 8.95 15.58
CA SER B 66 -14.10 9.75 16.39
C SER B 66 -12.99 8.91 17.02
N ALA B 67 -13.26 7.64 17.31
CA ALA B 67 -12.21 6.81 17.90
C ALA B 67 -11.04 6.69 16.95
N MET B 68 -11.33 6.41 15.67
CA MET B 68 -10.27 6.34 14.66
C MET B 68 -9.62 7.70 14.44
N ARG B 69 -10.43 8.75 14.32
CA ARG B 69 -9.86 10.06 14.04
C ARG B 69 -8.99 10.54 15.19
N ASP B 70 -9.41 10.27 16.43
CA ASP B 70 -8.57 10.60 17.57
C ASP B 70 -7.25 9.84 17.51
N GLN B 71 -7.28 8.59 17.08
CA GLN B 71 -6.02 7.85 17.02
C GLN B 71 -5.11 8.43 15.96
N TYR B 72 -5.67 8.86 14.81
CA TYR B 72 -4.85 9.53 13.81
C TYR B 72 -4.12 10.71 14.43
N MET B 73 -4.81 11.46 15.28
CA MET B 73 -4.20 12.63 15.87
C MET B 73 -3.24 12.29 17.00
N ARG B 74 -3.49 11.21 17.74
CA ARG B 74 -2.57 10.85 18.82
CA ARG B 74 -2.58 10.85 18.82
C ARG B 74 -1.19 10.50 18.28
N THR B 75 -1.15 9.75 17.19
CA THR B 75 0.10 9.29 16.57
CA THR B 75 0.15 9.36 16.67
C THR B 75 0.74 10.34 15.66
N GLY B 76 -0.08 11.17 15.02
CA GLY B 76 0.47 12.13 14.07
C GLY B 76 1.40 13.12 14.76
N GLU B 77 2.52 13.43 14.08
CA GLU B 77 3.44 14.44 14.59
C GLU B 77 3.15 15.83 14.05
N GLY B 78 2.59 15.93 12.86
CA GLY B 78 2.24 17.22 12.29
C GLY B 78 1.06 17.04 11.38
N PHE B 79 0.26 18.10 11.24
CA PHE B 79 -1.03 18.01 10.56
C PHE B 79 -1.11 19.03 9.46
N LEU B 80 -1.40 18.57 8.25
CA LEU B 80 -1.71 19.43 7.13
C LEU B 80 -3.22 19.60 7.14
N CYS B 81 -3.69 20.79 7.51
CA CYS B 81 -5.12 21.07 7.62
C CYS B 81 -5.56 21.75 6.33
N VAL B 82 -6.28 21.02 5.49
CA VAL B 82 -6.57 21.45 4.12
C VAL B 82 -8.02 21.90 4.02
N PHE B 83 -8.22 23.06 3.39
CA PHE B 83 -9.52 23.45 2.89
C PHE B 83 -9.37 23.79 1.41
N ALA B 84 -10.49 23.92 0.71
CA ALA B 84 -10.48 24.35 -0.69
C ALA B 84 -10.90 25.80 -0.78
N ILE B 85 -10.15 26.60 -1.55
CA ILE B 85 -10.44 28.02 -1.65
C ILE B 85 -11.79 28.31 -2.29
N ASN B 86 -12.44 27.30 -2.88
CA ASN B 86 -13.75 27.45 -3.48
C ASN B 86 -14.83 26.70 -2.69
N ASN B 87 -14.58 26.42 -1.42
CA ASN B 87 -15.52 25.72 -0.55
C ASN B 87 -15.48 26.41 0.81
N THR B 88 -16.42 27.33 1.03
CA THR B 88 -16.42 28.11 2.27
C THR B 88 -16.69 27.23 3.49
N LYS B 89 -17.56 26.22 3.35
CA LYS B 89 -17.81 25.31 4.46
C LYS B 89 -16.52 24.60 4.89
N SER B 90 -15.67 24.22 3.93
CA SER B 90 -14.43 23.54 4.30
C SER B 90 -13.50 24.46 5.08
N PHE B 91 -13.54 25.76 4.79
CA PHE B 91 -12.78 26.71 5.60
C PHE B 91 -13.39 26.87 6.99
N GLU B 92 -14.72 26.95 7.08
CA GLU B 92 -15.36 27.02 8.39
C GLU B 92 -15.09 25.76 9.21
N ASP B 93 -14.82 24.63 8.55
CA ASP B 93 -14.52 23.38 9.27
C ASP B 93 -13.16 23.41 9.93
N ILE B 94 -12.27 24.32 9.54
CA ILE B 94 -10.88 24.25 10.00
C ILE B 94 -10.78 24.30 11.51
N HIS B 95 -11.54 25.20 12.16
CA HIS B 95 -11.38 25.33 13.60
C HIS B 95 -11.74 24.04 14.33
N HIS B 96 -12.65 23.24 13.76
CA HIS B 96 -12.96 21.95 14.36
C HIS B 96 -11.73 21.04 14.39
N TYR B 97 -10.92 21.07 13.33
CA TYR B 97 -9.71 20.27 13.32
C TYR B 97 -8.71 20.76 14.36
N ARG B 98 -8.50 22.08 14.46
CA ARG B 98 -7.56 22.59 15.45
C ARG B 98 -8.01 22.26 16.86
N GLU B 99 -9.30 22.41 17.14
CA GLU B 99 -9.83 22.07 18.45
C GLU B 99 -9.63 20.58 18.75
N GLN B 100 -9.88 19.71 17.76
CA GLN B 100 -9.72 18.27 17.99
C GLN B 100 -8.27 17.90 18.21
N ILE B 101 -7.35 18.50 17.46
CA ILE B 101 -5.94 18.20 17.63
C ILE B 101 -5.45 18.63 19.01
N LYS B 102 -5.84 19.84 19.43
CA LYS B 102 -5.46 20.31 20.76
C LYS B 102 -6.03 19.42 21.84
N ARG B 103 -7.27 18.96 21.66
CA ARG B 103 -7.92 18.13 22.66
C ARG B 103 -7.20 16.79 22.79
N VAL B 104 -6.91 16.15 21.67
CA VAL B 104 -6.31 14.82 21.68
C VAL B 104 -4.86 14.88 22.14
N LYS B 105 -4.11 15.88 21.66
CA LYS B 105 -2.72 16.10 22.05
C LYS B 105 -2.59 16.73 23.42
N ASP B 106 -3.69 17.25 23.97
CA ASP B 106 -3.69 17.91 25.27
C ASP B 106 -2.64 19.03 25.30
N SER B 107 -2.60 19.81 24.21
CA SER B 107 -1.59 20.84 24.06
C SER B 107 -2.13 21.94 23.16
N GLU B 108 -1.67 23.17 23.41
CA GLU B 108 -1.99 24.29 22.53
C GLU B 108 -0.94 24.49 21.45
N ASP B 109 0.14 23.71 21.46
CA ASP B 109 1.30 23.91 20.58
C ASP B 109 1.55 22.60 19.85
N VAL B 110 0.88 22.41 18.71
CA VAL B 110 0.99 21.19 17.93
C VAL B 110 1.40 21.58 16.51
N PRO B 111 2.40 20.93 15.92
CA PRO B 111 2.81 21.29 14.55
C PRO B 111 1.67 21.13 13.54
N MET B 112 1.32 22.23 12.88
CA MET B 112 0.29 22.16 11.85
CA MET B 112 0.31 22.16 11.84
C MET B 112 0.48 23.30 10.86
N VAL B 113 -0.04 23.11 9.65
CA VAL B 113 0.00 24.08 8.57
C VAL B 113 -1.39 24.15 7.96
N LEU B 114 -1.87 25.37 7.74
CA LEU B 114 -3.15 25.59 7.08
C LEU B 114 -2.92 25.70 5.58
N VAL B 115 -3.64 24.89 4.82
CA VAL B 115 -3.45 24.80 3.38
C VAL B 115 -4.76 25.15 2.70
N GLY B 116 -4.72 26.19 1.86
CA GLY B 116 -5.83 26.51 0.98
C GLY B 116 -5.59 25.93 -0.39
N ASN B 117 -6.24 24.81 -0.70
CA ASN B 117 -5.96 24.11 -1.94
C ASN B 117 -6.91 24.57 -3.04
N LYS B 118 -6.61 24.13 -4.26
CA LYS B 118 -7.39 24.45 -5.47
C LYS B 118 -7.22 25.90 -5.89
N CYS B 119 -6.08 26.50 -5.55
CA CYS B 119 -5.84 27.89 -5.87
C CYS B 119 -5.72 28.15 -7.38
N ASP B 120 -5.75 27.11 -8.21
CA ASP B 120 -5.76 27.29 -9.65
C ASP B 120 -7.14 27.61 -10.20
N LEU B 121 -8.20 27.39 -9.41
CA LEU B 121 -9.56 27.49 -9.92
C LEU B 121 -10.07 28.92 -9.85
N PRO B 122 -10.91 29.31 -10.80
CA PRO B 122 -11.44 30.68 -10.86
C PRO B 122 -12.67 30.92 -10.00
N SER B 123 -12.99 30.03 -9.08
CA SER B 123 -14.25 30.04 -8.36
C SER B 123 -14.08 30.33 -6.87
N ARG B 124 -13.05 31.12 -6.53
CA ARG B 124 -12.70 31.37 -5.14
C ARG B 124 -13.87 31.92 -4.34
N THR B 125 -14.07 31.39 -3.14
CA THR B 125 -15.01 31.93 -2.17
C THR B 125 -14.36 32.33 -0.86
N VAL B 126 -13.15 31.85 -0.56
CA VAL B 126 -12.47 32.17 0.68
C VAL B 126 -11.30 33.09 0.33
N ASP B 127 -11.32 34.30 0.88
CA ASP B 127 -10.26 35.25 0.61
C ASP B 127 -8.97 34.82 1.27
N THR B 128 -7.85 35.01 0.54
CA THR B 128 -6.54 34.73 1.11
C THR B 128 -6.35 35.41 2.46
N LYS B 129 -6.78 36.67 2.58
CA LYS B 129 -6.63 37.40 3.83
C LYS B 129 -7.38 36.71 4.98
N GLN B 130 -8.57 36.17 4.70
CA GLN B 130 -9.30 35.44 5.75
C GLN B 130 -8.46 34.28 6.28
N ALA B 131 -7.90 33.50 5.36
CA ALA B 131 -7.10 32.35 5.77
C ALA B 131 -5.81 32.79 6.47
N GLN B 132 -5.15 33.83 5.96
CA GLN B 132 -3.95 34.34 6.60
C GLN B 132 -4.25 34.78 8.04
N ASP B 133 -5.37 35.48 8.24
CA ASP B 133 -5.69 35.98 9.56
C ASP B 133 -6.00 34.84 10.52
N LEU B 134 -6.70 33.80 10.03
CA LEU B 134 -6.98 32.66 10.88
C LEU B 134 -5.69 31.97 11.30
N ALA B 135 -4.82 31.67 10.32
CA ALA B 135 -3.56 31.00 10.63
C ALA B 135 -2.72 31.82 11.60
N ARG B 136 -2.67 33.13 11.40
CA ARG B 136 -1.93 33.98 12.34
C ARG B 136 -2.53 33.89 13.73
N SER B 137 -3.87 33.80 13.82
CA SER B 137 -4.51 33.69 15.13
C SER B 137 -4.13 32.39 15.83
N TYR B 138 -3.84 31.34 15.06
CA TYR B 138 -3.39 30.06 15.59
C TYR B 138 -1.90 29.98 15.81
N GLY B 139 -1.14 30.95 15.30
CA GLY B 139 0.31 30.86 15.32
C GLY B 139 0.88 29.78 14.41
N ILE B 140 0.26 29.53 13.26
CA ILE B 140 0.71 28.47 12.36
C ILE B 140 0.85 29.03 10.95
N PRO B 141 1.66 28.38 10.12
CA PRO B 141 1.82 28.84 8.73
C PRO B 141 0.58 28.59 7.89
N PHE B 142 0.42 29.40 6.86
CA PHE B 142 -0.63 29.26 5.86
C PHE B 142 -0.01 29.26 4.48
N ILE B 143 -0.51 28.41 3.59
CA ILE B 143 -0.02 28.38 2.22
C ILE B 143 -1.15 27.99 1.29
N GLU B 144 -1.21 28.63 0.12
CA GLU B 144 -2.14 28.22 -0.92
C GLU B 144 -1.46 27.24 -1.87
N THR B 145 -2.19 26.22 -2.29
CA THR B 145 -1.62 25.16 -3.10
C THR B 145 -2.55 24.84 -4.25
N SER B 146 -1.98 24.23 -5.28
CA SER B 146 -2.76 23.57 -6.31
C SER B 146 -2.15 22.20 -6.57
N ALA B 147 -2.90 21.14 -6.26
CA ALA B 147 -2.47 19.82 -6.68
C ALA B 147 -2.47 19.67 -8.20
N LYS B 148 -3.26 20.48 -8.90
CA LYS B 148 -3.29 20.40 -10.36
C LYS B 148 -1.98 20.93 -10.97
N THR B 149 -1.56 22.13 -10.57
CA THR B 149 -0.37 22.75 -11.15
C THR B 149 0.89 22.45 -10.37
N ARG B 150 0.75 21.89 -9.17
CA ARG B 150 1.82 21.59 -8.21
C ARG B 150 2.27 22.83 -7.43
N GLN B 151 1.70 24.01 -7.68
CA GLN B 151 2.04 25.19 -6.90
C GLN B 151 1.92 24.89 -5.41
N GLY B 152 2.99 25.19 -4.68
CA GLY B 152 3.01 25.09 -3.23
C GLY B 152 2.99 23.70 -2.63
N VAL B 153 2.96 22.64 -3.43
CA VAL B 153 2.80 21.30 -2.86
C VAL B 153 4.01 20.92 -2.01
N ASP B 154 5.20 20.93 -2.61
CA ASP B 154 6.41 20.66 -1.83
C ASP B 154 6.50 21.60 -0.64
N ASP B 155 6.28 22.90 -0.87
CA ASP B 155 6.40 23.89 0.20
C ASP B 155 5.45 23.60 1.36
N ALA B 156 4.22 23.15 1.06
CA ALA B 156 3.27 22.86 2.13
C ALA B 156 3.79 21.74 3.03
N PHE B 157 4.16 20.61 2.43
CA PHE B 157 4.68 19.48 3.20
C PHE B 157 5.99 19.83 3.89
N TYR B 158 6.89 20.53 3.20
CA TYR B 158 8.19 20.85 3.78
C TYR B 158 8.04 21.85 4.93
N THR B 159 7.11 22.81 4.80
CA THR B 159 6.84 23.72 5.90
C THR B 159 6.35 22.96 7.12
N LEU B 160 5.50 21.95 6.92
CA LEU B 160 5.05 21.13 8.06
C LEU B 160 6.23 20.43 8.73
N VAL B 161 7.13 19.84 7.93
CA VAL B 161 8.31 19.22 8.52
C VAL B 161 9.10 20.24 9.34
N ARG B 162 9.27 21.45 8.80
CA ARG B 162 10.01 22.46 9.55
C ARG B 162 9.31 22.81 10.85
N GLU B 163 7.97 22.78 10.85
CA GLU B 163 7.24 23.02 12.09
C GLU B 163 7.48 21.92 13.10
N ILE B 164 7.55 20.66 12.64
CA ILE B 164 7.82 19.57 13.58
C ILE B 164 9.21 19.71 14.17
N ARG B 165 10.21 20.01 13.33
CA ARG B 165 11.58 20.19 13.81
CA ARG B 165 11.57 20.20 13.81
C ARG B 165 11.63 21.30 14.85
N LYS B 166 11.01 22.44 14.56
CA LYS B 166 11.00 23.55 15.51
C LYS B 166 10.33 23.16 16.82
N HIS B 167 9.32 22.30 16.74
CA HIS B 167 8.64 21.84 17.94
C HIS B 167 9.52 20.87 18.74
N LYS B 168 10.18 19.94 18.05
CA LYS B 168 10.93 18.88 18.75
C LYS B 168 12.22 19.43 19.34
N GLU B 169 13.04 20.08 18.52
CA GLU B 169 14.34 20.56 18.98
C GLU B 169 14.24 21.79 19.86
N LYS B 170 13.03 22.29 20.13
CA LYS B 170 12.83 23.51 20.91
C LYS B 170 13.65 23.56 22.20
N VAL C 3 -46.94 -9.31 -1.67
CA VAL C 3 -45.70 -10.01 -1.38
C VAL C 3 -44.50 -9.14 -1.77
N ASN C 4 -43.52 -9.04 -0.86
CA ASN C 4 -42.34 -8.25 -1.13
C ASN C 4 -41.60 -8.81 -2.34
N PRO C 5 -41.14 -7.95 -3.25
CA PRO C 5 -40.42 -8.46 -4.43
C PRO C 5 -39.06 -9.02 -4.06
N THR C 6 -38.60 -9.94 -4.90
CA THR C 6 -37.27 -10.54 -4.80
CA THR C 6 -37.27 -10.53 -4.79
C THR C 6 -36.47 -10.22 -6.05
N VAL C 7 -35.25 -9.76 -5.88
CA VAL C 7 -34.36 -9.49 -7.00
C VAL C 7 -33.08 -10.30 -6.82
N PHE C 8 -32.34 -10.47 -7.92
CA PHE C 8 -31.10 -11.23 -7.86
C PHE C 8 -29.97 -10.44 -8.50
N PHE C 9 -28.76 -10.65 -7.98
CA PHE C 9 -27.53 -10.23 -8.63
C PHE C 9 -26.74 -11.49 -8.95
N ASP C 10 -26.30 -11.62 -10.19
CA ASP C 10 -25.27 -12.59 -10.54
C ASP C 10 -23.92 -11.88 -10.45
N ILE C 11 -23.13 -12.26 -9.48
CA ILE C 11 -21.88 -11.57 -9.18
C ILE C 11 -20.77 -12.24 -9.98
N ALA C 12 -19.88 -11.42 -10.54
CA ALA C 12 -18.72 -11.90 -11.28
C ALA C 12 -17.43 -11.32 -10.72
N VAL C 13 -16.35 -12.07 -10.90
CA VAL C 13 -15.00 -11.71 -10.47
C VAL C 13 -14.15 -11.66 -11.73
N ASP C 14 -13.70 -10.46 -12.10
CA ASP C 14 -13.00 -10.27 -13.38
C ASP C 14 -13.76 -10.94 -14.54
N GLY C 15 -15.09 -10.86 -14.48
CA GLY C 15 -15.92 -11.43 -15.53
C GLY C 15 -16.34 -12.87 -15.35
N GLU C 16 -15.75 -13.61 -14.40
CA GLU C 16 -16.10 -15.00 -14.21
C GLU C 16 -17.19 -15.12 -13.14
N PRO C 17 -18.20 -15.96 -13.38
CA PRO C 17 -19.29 -16.08 -12.41
C PRO C 17 -18.77 -16.52 -11.05
N LEU C 18 -19.16 -15.78 -10.02
CA LEU C 18 -18.90 -16.14 -8.64
C LEU C 18 -20.10 -16.88 -8.04
N GLY C 19 -21.28 -16.31 -8.17
CA GLY C 19 -22.49 -16.88 -7.62
C GLY C 19 -23.59 -15.85 -7.63
N ARG C 20 -24.77 -16.30 -7.21
CA ARG C 20 -25.96 -15.47 -7.21
C ARG C 20 -26.30 -15.05 -5.78
N VAL C 21 -26.67 -13.78 -5.62
CA VAL C 21 -27.24 -13.26 -4.39
C VAL C 21 -28.66 -12.80 -4.69
N SER C 22 -29.61 -13.22 -3.87
CA SER C 22 -30.97 -12.73 -4.00
C SER C 22 -31.33 -11.91 -2.77
N PHE C 23 -32.27 -10.98 -2.96
CA PHE C 23 -32.65 -10.01 -1.95
C PHE C 23 -34.16 -9.94 -1.85
N GLU C 24 -34.66 -9.93 -0.62
CA GLU C 24 -36.03 -9.52 -0.36
C GLU C 24 -36.03 -8.01 -0.19
N LEU C 25 -36.89 -7.31 -0.92
CA LEU C 25 -36.99 -5.86 -0.82
C LEU C 25 -38.24 -5.53 -0.01
N PHE C 26 -38.07 -4.71 1.03
CA PHE C 26 -39.16 -4.48 1.98
C PHE C 26 -40.11 -3.43 1.45
N ALA C 27 -40.81 -3.78 0.37
CA ALA C 27 -41.81 -2.88 -0.19
C ALA C 27 -42.91 -2.60 0.81
N ASP C 28 -43.15 -3.53 1.74
CA ASP C 28 -44.20 -3.36 2.73
C ASP C 28 -43.90 -2.28 3.76
N LYS C 29 -42.62 -1.94 3.97
CA LYS C 29 -42.27 -0.90 4.93
C LYS C 29 -41.58 0.30 4.31
N VAL C 30 -40.86 0.11 3.21
CA VAL C 30 -40.09 1.19 2.58
C VAL C 30 -40.40 1.12 1.08
N PRO C 31 -41.63 1.41 0.67
CA PRO C 31 -42.02 1.14 -0.73
C PRO C 31 -41.26 1.94 -1.76
N LYS C 32 -41.02 3.23 -1.52
CA LYS C 32 -40.33 4.04 -2.53
C LYS C 32 -38.89 3.59 -2.70
N THR C 33 -38.21 3.31 -1.59
CA THR C 33 -36.82 2.87 -1.68
C THR C 33 -36.72 1.46 -2.27
N ALA C 34 -37.63 0.57 -1.86
CA ALA C 34 -37.64 -0.76 -2.45
C ALA C 34 -37.91 -0.70 -3.95
N GLU C 35 -38.84 0.16 -4.38
CA GLU C 35 -39.17 0.23 -5.80
C GLU C 35 -38.00 0.75 -6.63
N ASN C 36 -37.25 1.71 -6.10
CA ASN C 36 -36.06 2.19 -6.80
C ASN C 36 -35.08 1.04 -7.04
N PHE C 37 -34.77 0.28 -5.98
CA PHE C 37 -33.81 -0.80 -6.14
C PHE C 37 -34.34 -1.89 -7.06
N ARG C 38 -35.63 -2.20 -6.96
CA ARG C 38 -36.23 -3.20 -7.85
C ARG C 38 -36.07 -2.80 -9.31
N ALA C 39 -36.47 -1.56 -9.65
CA ALA C 39 -36.41 -1.11 -11.04
C ALA C 39 -34.98 -1.00 -11.54
N LEU C 40 -34.05 -0.54 -10.70
CA LEU C 40 -32.65 -0.52 -11.09
C LEU C 40 -32.13 -1.93 -11.35
N SER C 41 -32.68 -2.93 -10.65
CA SER C 41 -32.23 -4.30 -10.85
C SER C 41 -32.78 -4.88 -12.14
N THR C 42 -34.01 -4.52 -12.53
CA THR C 42 -34.54 -5.02 -13.79
C THR C 42 -34.04 -4.24 -14.99
N GLY C 43 -33.55 -3.01 -14.78
CA GLY C 43 -33.15 -2.15 -15.87
C GLY C 43 -34.30 -1.56 -16.66
N GLU C 44 -35.54 -1.69 -16.18
CA GLU C 44 -36.72 -1.36 -16.97
C GLU C 44 -36.83 0.13 -17.30
N LYS C 45 -36.10 1.00 -16.61
CA LYS C 45 -36.10 2.42 -16.96
C LYS C 45 -35.07 2.77 -18.02
N GLY C 46 -34.28 1.80 -18.49
CA GLY C 46 -33.23 2.05 -19.46
C GLY C 46 -31.85 2.23 -18.85
N PHE C 47 -31.74 2.11 -17.54
CA PHE C 47 -30.45 2.18 -16.84
C PHE C 47 -30.59 1.36 -15.56
N GLY C 48 -29.46 1.05 -14.93
CA GLY C 48 -29.54 0.30 -13.70
C GLY C 48 -28.23 -0.40 -13.38
N TYR C 49 -28.34 -1.39 -12.49
CA TYR C 49 -27.16 -1.98 -11.87
C TYR C 49 -26.37 -2.90 -12.80
N LYS C 50 -26.99 -3.43 -13.86
CA LYS C 50 -26.31 -4.44 -14.65
C LYS C 50 -25.00 -3.90 -15.20
N GLY C 51 -23.90 -4.63 -14.94
CA GLY C 51 -22.59 -4.20 -15.36
C GLY C 51 -21.80 -3.41 -14.32
N SER C 52 -22.45 -2.88 -13.30
CA SER C 52 -21.77 -2.01 -12.35
C SER C 52 -20.96 -2.82 -11.34
N CYS C 53 -20.12 -2.12 -10.59
CA CYS C 53 -19.06 -2.69 -9.77
C CYS C 53 -19.38 -2.51 -8.30
N PHE C 54 -18.97 -3.49 -7.48
CA PHE C 54 -18.85 -3.28 -6.04
C PHE C 54 -17.48 -2.67 -5.81
N HIS C 55 -17.46 -1.35 -5.72
CA HIS C 55 -16.20 -0.61 -5.73
C HIS C 55 -15.55 -0.55 -4.35
N ARG C 56 -16.30 -0.78 -3.28
CA ARG C 56 -15.79 -0.58 -1.93
C ARG C 56 -16.24 -1.76 -1.07
N ILE C 57 -15.29 -2.63 -0.72
CA ILE C 57 -15.60 -3.80 0.10
C ILE C 57 -14.63 -3.79 1.28
N ILE C 58 -15.17 -3.65 2.48
CA ILE C 58 -14.32 -3.59 3.67
C ILE C 58 -14.68 -4.77 4.58
N PRO C 59 -13.78 -5.73 4.74
CA PRO C 59 -14.10 -6.92 5.53
C PRO C 59 -14.47 -6.55 6.95
N GLY C 60 -15.50 -7.21 7.46
CA GLY C 60 -16.04 -6.89 8.76
C GLY C 60 -17.14 -5.86 8.75
N PHE C 61 -17.40 -5.23 7.61
CA PHE C 61 -18.36 -4.15 7.56
C PHE C 61 -19.38 -4.32 6.44
N MET C 62 -18.97 -4.19 5.18
CA MET C 62 -19.97 -4.17 4.12
C MET C 62 -19.35 -4.31 2.75
N CYS C 63 -20.22 -4.62 1.79
CA CYS C 63 -19.93 -4.54 0.36
C CYS C 63 -20.79 -3.43 -0.22
N GLN C 64 -20.15 -2.42 -0.81
CA GLN C 64 -20.85 -1.27 -1.36
C GLN C 64 -20.70 -1.24 -2.89
N GLY C 65 -21.78 -0.91 -3.58
CA GLY C 65 -21.72 -0.77 -5.02
C GLY C 65 -22.80 0.15 -5.56
N GLY C 66 -23.01 0.06 -6.87
CA GLY C 66 -24.16 0.70 -7.48
C GLY C 66 -23.91 1.98 -8.25
N ASP C 67 -22.65 2.40 -8.43
CA ASP C 67 -22.36 3.60 -9.24
C ASP C 67 -22.30 3.19 -10.70
N PHE C 68 -23.45 3.25 -11.39
CA PHE C 68 -23.52 2.96 -12.81
C PHE C 68 -23.43 4.21 -13.70
N THR C 69 -23.26 5.40 -13.12
CA THR C 69 -23.19 6.61 -13.94
C THR C 69 -21.78 7.17 -14.07
N ARG C 70 -20.97 7.09 -13.02
CA ARG C 70 -19.60 7.58 -13.08
C ARG C 70 -18.57 6.47 -13.00
N HIS C 71 -18.96 5.28 -12.54
CA HIS C 71 -18.08 4.13 -12.46
C HIS C 71 -16.84 4.39 -11.60
N ASN C 72 -16.93 5.31 -10.64
CA ASN C 72 -15.79 5.64 -9.78
C ASN C 72 -16.13 5.73 -8.30
N GLY C 73 -17.36 5.40 -7.90
CA GLY C 73 -17.73 5.48 -6.51
C GLY C 73 -18.36 6.79 -6.09
N THR C 74 -18.46 7.76 -6.99
CA THR C 74 -19.08 9.04 -6.66
C THR C 74 -20.47 9.20 -7.26
N GLY C 75 -20.89 8.31 -8.14
CA GLY C 75 -22.09 8.56 -8.90
C GLY C 75 -23.27 7.67 -8.56
N GLY C 76 -24.13 7.47 -9.55
CA GLY C 76 -25.39 6.79 -9.39
C GLY C 76 -26.57 7.75 -9.52
N LYS C 77 -27.74 7.17 -9.76
CA LYS C 77 -28.95 7.97 -9.82
C LYS C 77 -30.12 7.06 -9.55
N SER C 78 -31.23 7.64 -9.13
CA SER C 78 -32.43 6.89 -8.84
C SER C 78 -33.39 6.95 -10.03
N ILE C 79 -34.48 6.20 -9.90
CA ILE C 79 -35.55 6.27 -10.89
C ILE C 79 -36.41 7.51 -10.73
N TYR C 80 -36.20 8.29 -9.66
CA TYR C 80 -36.98 9.48 -9.36
C TYR C 80 -36.27 10.77 -9.71
N GLY C 81 -35.11 10.67 -10.33
CA GLY C 81 -34.19 11.78 -10.46
C GLY C 81 -32.86 11.42 -9.86
N GLU C 82 -31.98 12.42 -9.79
CA GLU C 82 -30.62 12.13 -9.32
C GLU C 82 -30.62 11.59 -7.90
N LYS C 83 -31.42 12.19 -7.03
CA LYS C 83 -31.47 11.82 -5.62
C LYS C 83 -32.90 11.83 -5.12
N PHE C 84 -33.15 11.07 -4.06
CA PHE C 84 -34.46 11.11 -3.42
C PHE C 84 -34.28 11.09 -1.90
N GLU C 85 -35.34 11.50 -1.21
CA GLU C 85 -35.24 11.73 0.22
C GLU C 85 -35.20 10.43 1.00
N ASP C 86 -34.68 10.51 2.22
CA ASP C 86 -34.78 9.39 3.15
C ASP C 86 -36.23 9.11 3.46
N GLU C 87 -36.66 7.88 3.15
CA GLU C 87 -38.08 7.56 3.21
C GLU C 87 -38.55 7.36 4.64
N ASN C 88 -37.87 6.50 5.38
CA ASN C 88 -38.09 6.36 6.82
C ASN C 88 -36.89 5.63 7.37
N PHE C 89 -36.82 5.54 8.70
CA PHE C 89 -35.78 4.81 9.38
C PHE C 89 -36.36 3.71 10.26
N ILE C 90 -37.44 3.08 9.78
CA ILE C 90 -38.10 2.03 10.55
C ILE C 90 -37.15 0.89 10.84
N LEU C 91 -36.43 0.44 9.80
CA LEU C 91 -35.62 -0.76 9.92
C LEU C 91 -34.17 -0.40 10.20
N LYS C 92 -33.50 -1.31 10.90
CA LYS C 92 -32.17 -1.04 11.41
C LYS C 92 -31.14 -2.00 10.82
N HIS C 93 -29.89 -1.64 11.00
CA HIS C 93 -28.76 -2.41 10.49
C HIS C 93 -28.44 -3.48 11.53
N THR C 94 -29.21 -4.57 11.47
CA THR C 94 -29.28 -5.53 12.57
C THR C 94 -28.21 -6.62 12.50
N GLY C 95 -27.58 -6.84 11.35
CA GLY C 95 -26.61 -7.90 11.20
C GLY C 95 -26.27 -8.16 9.75
N PRO C 96 -25.55 -9.26 9.50
CA PRO C 96 -25.13 -9.58 8.13
C PRO C 96 -26.34 -9.76 7.22
N GLY C 97 -26.20 -9.27 5.98
CA GLY C 97 -27.22 -9.44 4.96
C GLY C 97 -28.16 -8.27 4.78
N ILE C 98 -28.15 -7.31 5.71
CA ILE C 98 -28.99 -6.14 5.59
C ILE C 98 -28.59 -5.33 4.37
N LEU C 99 -29.58 -4.89 3.60
CA LEU C 99 -29.40 -4.09 2.41
C LEU C 99 -29.88 -2.67 2.70
N SER C 100 -29.02 -1.68 2.44
CA SER C 100 -29.26 -0.32 2.89
C SER C 100 -28.71 0.66 1.88
N MET C 101 -29.25 1.88 1.88
CA MET C 101 -28.82 2.89 0.91
C MET C 101 -27.54 3.60 1.37
N ALA C 102 -26.57 3.71 0.46
CA ALA C 102 -25.44 4.59 0.69
C ALA C 102 -25.90 6.01 0.42
N ASN C 103 -25.18 6.99 0.98
CA ASN C 103 -25.58 8.36 0.78
C ASN C 103 -24.43 9.30 1.10
N ALA C 104 -24.66 10.58 0.85
CA ALA C 104 -23.69 11.62 1.12
C ALA C 104 -24.27 12.63 2.09
N GLY C 105 -25.08 12.14 3.02
CA GLY C 105 -25.78 13.00 3.96
C GLY C 105 -27.28 12.85 3.80
N PRO C 106 -28.03 13.66 4.54
CA PRO C 106 -29.49 13.55 4.51
C PRO C 106 -30.04 13.71 3.10
N ASN C 107 -30.99 12.84 2.76
CA ASN C 107 -31.78 12.96 1.53
C ASN C 107 -30.91 12.98 0.26
N THR C 108 -29.94 12.08 0.20
CA THR C 108 -29.09 11.97 -0.98
C THR C 108 -29.04 10.55 -1.51
N ASN C 109 -30.15 9.82 -1.40
CA ASN C 109 -30.21 8.48 -1.95
C ASN C 109 -30.24 8.55 -3.47
N GLY C 110 -29.46 7.69 -4.12
CA GLY C 110 -29.49 7.60 -5.56
C GLY C 110 -29.62 6.15 -5.97
N SER C 111 -28.49 5.54 -6.31
CA SER C 111 -28.46 4.11 -6.56
C SER C 111 -27.45 3.35 -5.72
N GLN C 112 -26.46 4.02 -5.15
CA GLN C 112 -25.46 3.29 -4.38
C GLN C 112 -26.12 2.70 -3.13
N PHE C 113 -25.71 1.49 -2.82
CA PHE C 113 -26.28 0.72 -1.72
C PHE C 113 -25.14 -0.05 -1.09
N PHE C 114 -25.40 -0.66 0.06
CA PHE C 114 -24.42 -1.56 0.66
C PHE C 114 -25.12 -2.74 1.28
N ILE C 115 -24.40 -3.87 1.28
CA ILE C 115 -24.83 -5.08 1.96
C ILE C 115 -23.95 -5.21 3.20
N CYS C 116 -24.58 -5.22 4.37
CA CYS C 116 -23.83 -5.41 5.61
C CYS C 116 -23.28 -6.82 5.72
N THR C 117 -22.04 -6.93 6.20
CA THR C 117 -21.50 -8.24 6.55
C THR C 117 -21.40 -8.39 8.05
N ALA C 118 -21.91 -7.42 8.81
CA ALA C 118 -21.99 -7.48 10.25
C ALA C 118 -23.03 -6.46 10.68
N LYS C 119 -23.35 -6.46 11.96
CA LYS C 119 -24.21 -5.42 12.50
C LYS C 119 -23.50 -4.07 12.43
N THR C 120 -24.17 -3.06 11.89
CA THR C 120 -23.61 -1.71 11.75
C THR C 120 -24.58 -0.68 12.34
N GLU C 121 -24.80 -0.80 13.65
CA GLU C 121 -25.87 -0.06 14.30
C GLU C 121 -25.63 1.44 14.31
N TRP C 122 -24.38 1.87 14.17
CA TRP C 122 -24.10 3.31 14.16
C TRP C 122 -24.63 3.99 12.91
N LEU C 123 -25.07 3.22 11.92
CA LEU C 123 -25.67 3.77 10.72
C LEU C 123 -27.19 3.91 10.84
N ASP C 124 -27.78 3.35 11.90
CA ASP C 124 -29.22 3.45 12.10
C ASP C 124 -29.64 4.91 12.18
N GLY C 125 -30.75 5.23 11.52
CA GLY C 125 -31.24 6.59 11.49
C GLY C 125 -30.54 7.50 10.51
N LYS C 126 -29.48 7.01 9.85
CA LYS C 126 -28.77 7.81 8.85
C LYS C 126 -28.82 7.19 7.46
N HIS C 127 -28.96 5.88 7.37
CA HIS C 127 -29.07 5.18 6.10
C HIS C 127 -30.36 4.37 6.11
N VAL C 128 -31.10 4.43 5.01
CA VAL C 128 -32.40 3.78 4.90
C VAL C 128 -32.21 2.29 4.59
N VAL C 129 -32.56 1.43 5.54
CA VAL C 129 -32.58 -0.01 5.34
C VAL C 129 -33.85 -0.38 4.59
N PHE C 130 -33.71 -1.19 3.53
CA PHE C 130 -34.86 -1.47 2.68
C PHE C 130 -34.92 -2.91 2.20
N GLY C 131 -34.00 -3.78 2.60
CA GLY C 131 -34.04 -5.14 2.12
C GLY C 131 -33.05 -5.99 2.87
N LYS C 132 -32.97 -7.26 2.47
CA LYS C 132 -32.01 -8.15 3.09
C LYS C 132 -31.68 -9.27 2.12
N VAL C 133 -30.47 -9.83 2.27
CA VAL C 133 -30.11 -11.01 1.51
C VAL C 133 -31.06 -12.16 1.86
N LYS C 134 -31.59 -12.79 0.83
CA LYS C 134 -32.45 -13.97 0.98
C LYS C 134 -31.56 -15.21 0.82
N GLU C 135 -31.10 -15.47 -0.39
CA GLU C 135 -30.18 -16.56 -0.63
C GLU C 135 -28.83 -16.01 -1.06
N GLY C 136 -27.78 -16.76 -0.77
CA GLY C 136 -26.45 -16.41 -1.22
C GLY C 136 -25.62 -15.60 -0.25
N MET C 137 -25.90 -15.65 1.05
CA MET C 137 -24.98 -15.03 2.00
C MET C 137 -23.58 -15.56 1.82
N ASN C 138 -23.43 -16.83 1.45
CA ASN C 138 -22.09 -17.38 1.22
C ASN C 138 -21.39 -16.68 0.08
N ILE C 139 -22.16 -16.23 -0.93
CA ILE C 139 -21.56 -15.45 -2.01
C ILE C 139 -21.12 -14.08 -1.50
N VAL C 140 -21.96 -13.45 -0.66
CA VAL C 140 -21.56 -12.17 -0.05
C VAL C 140 -20.29 -12.35 0.77
N GLU C 141 -20.18 -13.46 1.50
CA GLU C 141 -18.98 -13.72 2.27
C GLU C 141 -17.76 -13.89 1.37
N ALA C 142 -17.96 -14.48 0.18
CA ALA C 142 -16.87 -14.58 -0.77
C ALA C 142 -16.46 -13.21 -1.28
N MET C 143 -17.44 -12.38 -1.64
CA MET C 143 -17.14 -11.02 -2.10
C MET C 143 -16.34 -10.28 -1.05
N GLU C 144 -16.74 -10.41 0.21
CA GLU C 144 -16.04 -9.74 1.31
C GLU C 144 -14.55 -10.09 1.32
N ARG C 145 -14.21 -11.33 0.96
CA ARG C 145 -12.81 -11.75 0.94
C ARG C 145 -11.99 -11.03 -0.12
N PHE C 146 -12.63 -10.41 -1.11
CA PHE C 146 -11.90 -9.63 -2.11
C PHE C 146 -11.63 -8.20 -1.66
N GLY C 147 -12.20 -7.77 -0.54
CA GLY C 147 -11.98 -6.42 -0.08
C GLY C 147 -10.75 -6.27 0.80
N SER C 148 -10.59 -5.06 1.31
CA SER C 148 -9.45 -4.74 2.14
C SER C 148 -9.84 -3.59 3.06
N ARG C 149 -8.94 -3.28 3.99
CA ARG C 149 -9.23 -2.25 4.98
C ARG C 149 -9.57 -0.89 4.36
N ASN C 150 -8.95 -0.54 3.23
CA ASN C 150 -9.27 0.73 2.57
C ASN C 150 -10.36 0.60 1.50
N GLY C 151 -11.02 -0.56 1.40
CA GLY C 151 -12.11 -0.76 0.48
C GLY C 151 -11.72 -1.23 -0.91
N LYS C 152 -10.46 -1.14 -1.29
CA LYS C 152 -10.07 -1.57 -2.62
C LYS C 152 -10.17 -3.08 -2.74
N THR C 153 -10.65 -3.55 -3.88
CA THR C 153 -10.84 -4.97 -4.12
C THR C 153 -9.68 -5.55 -4.91
N SER C 154 -9.32 -6.81 -4.59
CA SER C 154 -8.16 -7.42 -5.21
C SER C 154 -8.45 -7.88 -6.63
N LYS C 155 -9.72 -8.10 -6.96
CA LYS C 155 -10.18 -8.30 -8.32
C LYS C 155 -11.46 -7.49 -8.51
N LYS C 156 -11.86 -7.33 -9.76
CA LYS C 156 -13.02 -6.49 -10.05
C LYS C 156 -14.30 -7.27 -9.84
N ILE C 157 -15.14 -6.82 -8.89
CA ILE C 157 -16.37 -7.50 -8.51
C ILE C 157 -17.52 -6.75 -9.16
N THR C 158 -18.25 -7.42 -10.07
CA THR C 158 -19.33 -6.76 -10.78
C THR C 158 -20.65 -7.51 -10.65
N ILE C 159 -21.71 -6.78 -10.94
CA ILE C 159 -23.05 -7.34 -11.13
C ILE C 159 -23.15 -7.68 -12.61
N ALA C 160 -22.82 -8.93 -12.94
CA ALA C 160 -22.82 -9.33 -14.34
C ALA C 160 -24.23 -9.42 -14.91
N ASP C 161 -25.19 -9.79 -14.07
CA ASP C 161 -26.59 -9.82 -14.48
C ASP C 161 -27.41 -9.54 -13.24
N CYS C 162 -28.64 -9.08 -13.45
CA CYS C 162 -29.54 -8.82 -12.35
C CYS C 162 -30.95 -8.73 -12.89
N GLY C 163 -31.92 -8.88 -11.99
CA GLY C 163 -33.31 -8.90 -12.42
C GLY C 163 -34.22 -9.21 -11.26
N GLN C 164 -35.49 -9.41 -11.57
CA GLN C 164 -36.50 -9.71 -10.56
C GLN C 164 -36.86 -11.19 -10.65
N LEU C 165 -36.96 -11.83 -9.49
CA LEU C 165 -37.43 -13.21 -9.43
C LEU C 165 -38.94 -13.24 -9.21
N GLU C 166 -39.58 -14.26 -9.78
CA GLU C 166 -41.04 -14.40 -9.73
C GLU C 166 -41.65 -14.20 -8.33
N SER D 1 32.91 -1.70 -30.11
CA SER D 1 31.96 -1.41 -31.17
C SER D 1 32.49 -1.90 -32.51
N MET D 2 33.76 -1.60 -32.76
CA MET D 2 34.54 -2.46 -33.66
C MET D 2 34.80 -3.81 -33.01
N VAL D 3 34.62 -3.89 -31.68
CA VAL D 3 34.92 -5.08 -30.90
C VAL D 3 33.73 -5.56 -30.10
N ASN D 4 32.94 -4.63 -29.52
CA ASN D 4 31.89 -4.99 -28.59
C ASN D 4 30.58 -5.17 -29.33
N PRO D 5 29.85 -6.25 -29.05
CA PRO D 5 28.58 -6.47 -29.74
C PRO D 5 27.52 -5.52 -29.22
N THR D 6 26.51 -5.30 -30.07
CA THR D 6 25.35 -4.50 -29.72
C THR D 6 24.13 -5.39 -29.77
N VAL D 7 23.32 -5.36 -28.71
CA VAL D 7 22.07 -6.08 -28.69
C VAL D 7 20.96 -5.08 -28.41
N PHE D 8 19.73 -5.49 -28.71
CA PHE D 8 18.58 -4.63 -28.50
C PHE D 8 17.49 -5.38 -27.75
N PHE D 9 16.69 -4.61 -27.01
CA PHE D 9 15.40 -5.04 -26.47
C PHE D 9 14.34 -4.14 -27.08
N ASP D 10 13.26 -4.74 -27.61
CA ASP D 10 12.05 -3.99 -27.93
C ASP D 10 11.14 -4.13 -26.73
N ILE D 11 10.86 -3.01 -26.07
CA ILE D 11 10.17 -2.99 -24.79
C ILE D 11 8.68 -2.81 -25.06
N ALA D 12 7.86 -3.55 -24.31
CA ALA D 12 6.41 -3.44 -24.40
C ALA D 12 5.85 -3.11 -23.03
N VAL D 13 4.73 -2.38 -23.05
CA VAL D 13 3.99 -2.01 -21.86
C VAL D 13 2.61 -2.61 -22.03
N ASP D 14 2.28 -3.62 -21.22
CA ASP D 14 1.04 -4.39 -21.40
C ASP D 14 0.84 -4.80 -22.86
N GLY D 15 1.92 -5.27 -23.49
CA GLY D 15 1.86 -5.75 -24.86
C GLY D 15 2.03 -4.68 -25.92
N GLU D 16 1.97 -3.40 -25.54
CA GLU D 16 2.05 -2.37 -26.56
C GLU D 16 3.49 -1.90 -26.74
N PRO D 17 3.91 -1.63 -27.97
CA PRO D 17 5.29 -1.20 -28.20
C PRO D 17 5.58 0.11 -27.50
N LEU D 18 6.63 0.13 -26.69
CA LEU D 18 7.15 1.34 -26.07
C LEU D 18 8.31 1.92 -26.86
N GLY D 19 9.30 1.10 -27.16
CA GLY D 19 10.44 1.55 -27.94
C GLY D 19 11.58 0.57 -27.77
N ARG D 20 12.68 0.88 -28.46
CA ARG D 20 13.83 0.01 -28.51
C ARG D 20 14.95 0.58 -27.65
N VAL D 21 15.59 -0.29 -26.86
CA VAL D 21 16.80 0.04 -26.13
C VAL D 21 17.90 -0.83 -26.70
N SER D 22 19.02 -0.22 -27.06
CA SER D 22 20.18 -0.99 -27.47
C SER D 22 21.30 -0.85 -26.44
N PHE D 23 22.14 -1.87 -26.37
CA PHE D 23 23.20 -1.92 -25.38
C PHE D 23 24.49 -2.27 -26.08
N GLU D 24 25.58 -1.59 -25.71
CA GLU D 24 26.91 -2.05 -26.01
C GLU D 24 27.33 -2.99 -24.90
N LEU D 25 27.74 -4.20 -25.26
CA LEU D 25 28.22 -5.17 -24.27
C LEU D 25 29.73 -5.17 -24.27
N PHE D 26 30.33 -5.02 -23.09
CA PHE D 26 31.77 -4.80 -22.98
C PHE D 26 32.53 -6.13 -23.02
N ALA D 27 32.43 -6.82 -24.16
CA ALA D 27 33.16 -8.07 -24.32
C ALA D 27 34.66 -7.84 -24.26
N ASP D 28 35.12 -6.63 -24.61
CA ASP D 28 36.55 -6.35 -24.55
C ASP D 28 37.10 -6.46 -23.13
N LYS D 29 36.29 -6.16 -22.11
CA LYS D 29 36.74 -6.19 -20.74
C LYS D 29 36.05 -7.22 -19.86
N VAL D 30 34.83 -7.65 -20.22
CA VAL D 30 34.07 -8.59 -19.42
C VAL D 30 33.53 -9.67 -20.35
N PRO D 31 34.39 -10.45 -21.02
CA PRO D 31 33.91 -11.27 -22.14
C PRO D 31 32.88 -12.34 -21.77
N LYS D 32 33.10 -13.09 -20.68
CA LYS D 32 32.18 -14.17 -20.34
C LYS D 32 30.79 -13.63 -20.00
N THR D 33 30.76 -12.52 -19.26
CA THR D 33 29.49 -11.94 -18.82
C THR D 33 28.78 -11.28 -20.00
N ALA D 34 29.55 -10.57 -20.83
CA ALA D 34 28.97 -10.00 -22.04
C ALA D 34 28.42 -11.09 -22.95
N GLU D 35 29.17 -12.20 -23.11
CA GLU D 35 28.73 -13.27 -24.01
C GLU D 35 27.44 -13.92 -23.52
N ASN D 36 27.31 -14.12 -22.21
CA ASN D 36 26.06 -14.63 -21.64
C ASN D 36 24.88 -13.74 -22.04
N PHE D 37 25.00 -12.43 -21.81
CA PHE D 37 23.90 -11.52 -22.11
C PHE D 37 23.61 -11.47 -23.61
N ARG D 38 24.66 -11.50 -24.44
CA ARG D 38 24.47 -11.53 -25.89
C ARG D 38 23.66 -12.75 -26.29
N ALA D 39 24.09 -13.94 -25.84
CA ALA D 39 23.42 -15.17 -26.25
C ALA D 39 21.99 -15.23 -25.71
N LEU D 40 21.76 -14.74 -24.50
CA LEU D 40 20.40 -14.69 -23.97
C LEU D 40 19.54 -13.72 -24.77
N SER D 41 20.16 -12.70 -25.37
CA SER D 41 19.39 -11.75 -26.17
C SER D 41 19.04 -12.30 -27.54
N THR D 42 19.91 -13.12 -28.12
CA THR D 42 19.57 -13.72 -29.40
C THR D 42 18.72 -14.98 -29.25
N GLY D 43 18.70 -15.58 -28.07
CA GLY D 43 18.00 -16.85 -27.86
C GLY D 43 18.66 -18.05 -28.49
N GLU D 44 19.92 -17.92 -28.93
CA GLU D 44 20.52 -18.95 -29.77
C GLU D 44 20.76 -20.26 -29.04
N LYS D 45 20.79 -20.26 -27.71
CA LYS D 45 20.91 -21.50 -26.94
C LYS D 45 19.57 -22.17 -26.68
N GLY D 46 18.47 -21.61 -27.17
CA GLY D 46 17.15 -22.20 -26.96
C GLY D 46 16.37 -21.60 -25.82
N PHE D 47 16.91 -20.56 -25.18
CA PHE D 47 16.23 -19.87 -24.09
C PHE D 47 16.82 -18.47 -24.03
N GLY D 48 16.12 -17.59 -23.32
CA GLY D 48 16.69 -16.26 -23.14
C GLY D 48 15.63 -15.26 -22.74
N TYR D 49 15.92 -14.00 -23.04
CA TYR D 49 15.18 -12.86 -22.52
C TYR D 49 13.84 -12.63 -23.20
N LYS D 50 13.64 -13.14 -24.41
CA LYS D 50 12.44 -12.78 -25.17
C LYS D 50 11.19 -13.20 -24.42
N GLY D 51 10.33 -12.22 -24.13
CA GLY D 51 9.09 -12.46 -23.41
C GLY D 51 9.19 -12.19 -21.92
N SER D 52 10.39 -12.02 -21.39
CA SER D 52 10.56 -11.87 -19.95
C SER D 52 10.23 -10.44 -19.53
N CYS D 53 10.16 -10.23 -18.23
CA CYS D 53 9.58 -9.03 -17.62
C CYS D 53 10.65 -8.26 -16.86
N PHE D 54 10.54 -6.92 -16.89
CA PHE D 54 11.23 -6.07 -15.93
C PHE D 54 10.35 -6.04 -14.68
N HIS D 55 10.64 -6.93 -13.73
CA HIS D 55 9.76 -7.16 -12.60
C HIS D 55 9.94 -6.16 -11.49
N ARG D 56 11.10 -5.50 -11.41
CA ARG D 56 11.42 -4.61 -10.31
C ARG D 56 11.97 -3.31 -10.89
N ILE D 57 11.20 -2.24 -10.78
CA ILE D 57 11.62 -0.94 -11.29
C ILE D 57 11.45 0.06 -10.17
N ILE D 58 12.55 0.66 -9.73
CA ILE D 58 12.48 1.63 -8.63
C ILE D 58 13.00 2.96 -9.14
N PRO D 59 12.13 3.95 -9.31
CA PRO D 59 12.54 5.26 -9.83
C PRO D 59 13.69 5.85 -9.00
N GLY D 60 14.64 6.42 -9.70
CA GLY D 60 15.84 6.96 -9.10
C GLY D 60 16.96 5.96 -8.94
N PHE D 61 16.72 4.69 -9.26
CA PHE D 61 17.74 3.67 -9.03
C PHE D 61 17.96 2.80 -10.26
N MET D 62 16.98 1.97 -10.64
CA MET D 62 17.27 0.99 -11.67
C MET D 62 16.00 0.31 -12.18
N CYS D 63 16.13 -0.31 -13.36
CA CYS D 63 15.14 -1.23 -13.93
C CYS D 63 15.77 -2.61 -13.97
N GLN D 64 15.16 -3.57 -13.26
CA GLN D 64 15.71 -4.91 -13.12
C GLN D 64 14.79 -5.92 -13.79
N GLY D 65 15.39 -6.85 -14.51
CA GLY D 65 14.64 -7.90 -15.19
C GLY D 65 15.47 -9.15 -15.40
N GLY D 66 14.98 -10.03 -16.27
CA GLY D 66 15.76 -11.17 -16.73
C GLY D 66 15.39 -12.52 -16.16
N ASP D 67 14.35 -12.64 -15.32
CA ASP D 67 13.94 -13.94 -14.80
C ASP D 67 13.00 -14.62 -15.79
N PHE D 68 13.58 -15.41 -16.69
CA PHE D 68 12.78 -16.17 -17.64
C PHE D 68 12.57 -17.62 -17.21
N THR D 69 12.99 -18.01 -16.01
CA THR D 69 12.79 -19.40 -15.58
C THR D 69 11.69 -19.55 -14.54
N ARG D 70 11.65 -18.68 -13.54
CA ARG D 70 10.59 -18.72 -12.54
C ARG D 70 9.57 -17.61 -12.74
N HIS D 71 9.91 -16.57 -13.50
CA HIS D 71 8.97 -15.51 -13.84
C HIS D 71 8.44 -14.80 -12.60
N ASN D 72 9.23 -14.76 -11.53
CA ASN D 72 8.76 -14.16 -10.29
C ASN D 72 9.83 -13.33 -9.58
N GLY D 73 10.99 -13.10 -10.21
CA GLY D 73 12.05 -12.33 -9.60
C GLY D 73 13.06 -13.15 -8.83
N THR D 74 12.88 -14.46 -8.73
CA THR D 74 13.82 -15.28 -8.00
C THR D 74 14.69 -16.14 -8.90
N GLY D 75 14.39 -16.23 -10.19
CA GLY D 75 15.07 -17.18 -11.03
C GLY D 75 15.97 -16.59 -12.09
N GLY D 76 16.08 -17.31 -13.20
CA GLY D 76 17.03 -17.05 -14.26
C GLY D 76 18.13 -18.11 -14.31
N LYS D 77 18.80 -18.16 -15.45
CA LYS D 77 19.93 -19.07 -15.63
C LYS D 77 20.82 -18.50 -16.73
N SER D 78 22.08 -18.91 -16.70
CA SER D 78 23.05 -18.42 -17.66
C SER D 78 23.22 -19.45 -18.77
N ILE D 79 24.02 -19.07 -19.76
CA ILE D 79 24.41 -20.01 -20.81
C ILE D 79 25.45 -21.02 -20.33
N TYR D 80 25.97 -20.86 -19.12
CA TYR D 80 27.04 -21.70 -18.59
C TYR D 80 26.53 -22.70 -17.56
N GLY D 81 25.25 -22.67 -17.26
CA GLY D 81 24.67 -23.39 -16.15
C GLY D 81 23.77 -22.45 -15.38
N GLU D 82 23.27 -22.93 -14.24
CA GLU D 82 22.33 -22.10 -13.47
C GLU D 82 22.99 -20.81 -13.04
N LYS D 83 24.24 -20.85 -12.59
CA LYS D 83 24.94 -19.68 -12.07
C LYS D 83 26.37 -19.69 -12.59
N PHE D 84 27.00 -18.50 -12.59
CA PHE D 84 28.41 -18.40 -12.93
C PHE D 84 29.08 -17.34 -12.06
N GLU D 85 30.41 -17.46 -11.94
CA GLU D 85 31.13 -16.65 -10.97
C GLU D 85 31.23 -15.19 -11.43
N ASP D 86 31.48 -14.32 -10.45
CA ASP D 86 31.76 -12.92 -10.76
C ASP D 86 33.04 -12.82 -11.56
N GLU D 87 32.95 -12.29 -12.78
CA GLU D 87 34.07 -12.37 -13.71
C GLU D 87 35.17 -11.39 -13.35
N ASN D 88 34.80 -10.13 -13.14
CA ASN D 88 35.74 -9.12 -12.66
C ASN D 88 34.90 -7.93 -12.19
N PHE D 89 35.57 -6.99 -11.53
CA PHE D 89 34.92 -5.76 -11.12
C PHE D 89 35.64 -4.56 -11.70
N ILE D 90 36.13 -4.72 -12.94
CA ILE D 90 36.89 -3.65 -13.59
C ILE D 90 36.04 -2.42 -13.76
N LEU D 91 34.78 -2.60 -14.16
CA LEU D 91 33.90 -1.48 -14.44
C LEU D 91 33.03 -1.18 -13.23
N LYS D 92 32.65 0.08 -13.09
CA LYS D 92 31.94 0.56 -11.93
C LYS D 92 30.58 1.12 -12.34
N HIS D 93 29.73 1.35 -11.34
CA HIS D 93 28.37 1.85 -11.55
C HIS D 93 28.43 3.37 -11.53
N THR D 94 28.73 3.94 -12.69
CA THR D 94 29.14 5.33 -12.76
C THR D 94 28.01 6.28 -13.13
N GLY D 95 26.83 5.78 -13.49
CA GLY D 95 25.76 6.66 -13.89
C GLY D 95 24.63 5.95 -14.61
N PRO D 96 23.64 6.74 -15.08
CA PRO D 96 22.52 6.16 -15.80
C PRO D 96 23.00 5.40 -17.03
N GLY D 97 22.32 4.30 -17.33
CA GLY D 97 22.58 3.52 -18.51
C GLY D 97 23.47 2.32 -18.29
N ILE D 98 24.17 2.27 -17.15
CA ILE D 98 25.06 1.16 -16.86
C ILE D 98 24.26 -0.12 -16.76
N LEU D 99 24.77 -1.18 -17.39
CA LEU D 99 24.14 -2.49 -17.42
C LEU D 99 24.97 -3.42 -16.56
N SER D 100 24.34 -4.05 -15.57
CA SER D 100 25.08 -4.77 -14.55
C SER D 100 24.29 -6.00 -14.13
N MET D 101 24.99 -7.01 -13.63
CA MET D 101 24.34 -8.27 -13.26
C MET D 101 23.68 -8.17 -11.88
N ALA D 102 22.43 -8.61 -11.80
CA ALA D 102 21.81 -8.84 -10.50
C ALA D 102 22.36 -10.14 -9.91
N ASN D 103 22.32 -10.25 -8.58
CA ASN D 103 22.81 -11.48 -7.96
C ASN D 103 22.23 -11.65 -6.57
N ALA D 104 22.50 -12.80 -5.97
CA ALA D 104 22.11 -13.12 -4.61
C ALA D 104 23.34 -13.32 -3.74
N GLY D 105 24.37 -12.51 -3.99
CA GLY D 105 25.63 -12.64 -3.30
C GLY D 105 26.71 -13.10 -4.26
N PRO D 106 27.89 -13.41 -3.71
CA PRO D 106 29.04 -13.70 -4.57
C PRO D 106 28.79 -14.89 -5.48
N ASN D 107 29.19 -14.72 -6.75
CA ASN D 107 29.21 -15.81 -7.74
C ASN D 107 27.84 -16.45 -7.94
N THR D 108 26.82 -15.62 -8.07
CA THR D 108 25.47 -16.10 -8.31
C THR D 108 24.85 -15.42 -9.53
N ASN D 109 25.67 -15.08 -10.51
CA ASN D 109 25.16 -14.51 -11.74
C ASN D 109 24.39 -15.58 -12.52
N GLY D 110 23.23 -15.19 -13.04
CA GLY D 110 22.47 -16.09 -13.88
C GLY D 110 22.04 -15.38 -15.14
N SER D 111 20.81 -14.86 -15.14
CA SER D 111 20.38 -14.00 -16.23
C SER D 111 19.82 -12.67 -15.76
N GLN D 112 19.46 -12.53 -14.49
CA GLN D 112 18.91 -11.26 -14.04
C GLN D 112 19.98 -10.17 -14.11
N PHE D 113 19.52 -8.99 -14.50
CA PHE D 113 20.39 -7.85 -14.76
C PHE D 113 19.61 -6.60 -14.36
N PHE D 114 20.31 -5.47 -14.30
CA PHE D 114 19.65 -4.21 -14.07
C PHE D 114 20.29 -3.12 -14.91
N ILE D 115 19.45 -2.16 -15.29
CA ILE D 115 19.87 -0.94 -15.98
C ILE D 115 19.79 0.19 -14.97
N CYS D 116 20.92 0.79 -14.66
CA CYS D 116 20.93 1.93 -13.74
C CYS D 116 20.24 3.13 -14.36
N THR D 117 19.50 3.86 -13.54
CA THR D 117 18.98 5.16 -13.94
C THR D 117 19.65 6.29 -13.16
N ALA D 118 20.65 5.95 -12.36
CA ALA D 118 21.42 6.89 -11.57
C ALA D 118 22.74 6.21 -11.24
N LYS D 119 23.68 6.98 -10.75
CA LYS D 119 24.92 6.39 -10.25
C LYS D 119 24.60 5.55 -9.02
N THR D 120 25.07 4.29 -9.01
CA THR D 120 24.81 3.38 -7.89
C THR D 120 26.14 2.82 -7.39
N GLU D 121 27.02 3.73 -6.95
CA GLU D 121 28.40 3.33 -6.67
C GLU D 121 28.52 2.37 -5.50
N TRP D 122 27.50 2.29 -4.62
CA TRP D 122 27.56 1.35 -3.51
C TRP D 122 27.51 -0.10 -3.97
N LEU D 123 27.16 -0.35 -5.22
CA LEU D 123 27.17 -1.70 -5.76
C LEU D 123 28.50 -2.07 -6.39
N ASP D 124 29.44 -1.14 -6.47
CA ASP D 124 30.75 -1.43 -7.04
C ASP D 124 31.42 -2.53 -6.25
N GLY D 125 32.04 -3.47 -6.96
CA GLY D 125 32.72 -4.57 -6.34
C GLY D 125 31.83 -5.70 -5.89
N LYS D 126 30.52 -5.58 -6.07
CA LYS D 126 29.57 -6.62 -5.70
C LYS D 126 28.72 -7.07 -6.87
N HIS D 127 28.49 -6.22 -7.87
CA HIS D 127 27.77 -6.57 -9.07
C HIS D 127 28.66 -6.30 -10.25
N VAL D 128 28.72 -7.24 -11.19
CA VAL D 128 29.59 -7.15 -12.35
C VAL D 128 28.94 -6.27 -13.40
N VAL D 129 29.57 -5.14 -13.70
CA VAL D 129 29.13 -4.24 -14.77
C VAL D 129 29.69 -4.76 -16.08
N PHE D 130 28.86 -4.82 -17.11
CA PHE D 130 29.29 -5.46 -18.35
C PHE D 130 28.77 -4.78 -19.60
N GLY D 131 28.05 -3.67 -19.49
CA GLY D 131 27.55 -3.01 -20.68
C GLY D 131 26.98 -1.65 -20.33
N LYS D 132 26.43 -1.00 -21.35
CA LYS D 132 25.77 0.29 -21.17
C LYS D 132 24.76 0.49 -22.27
N VAL D 133 23.70 1.23 -21.95
CA VAL D 133 22.74 1.65 -22.96
C VAL D 133 23.45 2.45 -24.03
N LYS D 134 23.19 2.09 -25.29
CA LYS D 134 23.74 2.80 -26.43
C LYS D 134 22.68 3.77 -26.93
N GLU D 135 21.58 3.25 -27.47
CA GLU D 135 20.47 4.09 -27.89
C GLU D 135 19.25 3.75 -27.06
N GLY D 136 18.36 4.72 -26.89
CA GLY D 136 17.11 4.46 -26.21
C GLY D 136 17.10 4.70 -24.72
N MET D 137 18.01 5.52 -24.20
CA MET D 137 17.91 5.90 -22.81
C MET D 137 16.57 6.57 -22.50
N ASN D 138 16.01 7.31 -23.46
CA ASN D 138 14.67 7.86 -23.26
C ASN D 138 13.63 6.76 -23.00
N ILE D 139 13.81 5.58 -23.61
CA ILE D 139 12.89 4.47 -23.38
C ILE D 139 13.08 3.91 -21.97
N VAL D 140 14.34 3.82 -21.53
CA VAL D 140 14.59 3.40 -20.15
C VAL D 140 13.95 4.38 -19.18
N GLU D 141 14.06 5.68 -19.46
CA GLU D 141 13.41 6.66 -18.59
C GLU D 141 11.90 6.50 -18.61
N ALA D 142 11.33 6.15 -19.78
CA ALA D 142 9.90 5.88 -19.83
C ALA D 142 9.54 4.65 -18.99
N MET D 143 10.34 3.58 -19.08
CA MET D 143 10.12 2.41 -18.24
C MET D 143 10.18 2.76 -16.77
N GLU D 144 11.16 3.57 -16.38
CA GLU D 144 11.36 3.92 -14.98
C GLU D 144 10.10 4.51 -14.38
N ARG D 145 9.35 5.30 -15.17
CA ARG D 145 8.13 5.94 -14.68
C ARG D 145 7.03 4.95 -14.32
N PHE D 146 7.10 3.71 -14.83
CA PHE D 146 6.11 2.70 -14.46
C PHE D 146 6.44 2.01 -13.14
N GLY D 147 7.60 2.29 -12.55
CA GLY D 147 7.99 1.66 -11.32
C GLY D 147 7.43 2.38 -10.10
N SER D 148 7.91 1.96 -8.94
CA SER D 148 7.45 2.53 -7.69
C SER D 148 8.52 2.26 -6.63
N ARG D 149 8.31 2.87 -5.46
CA ARG D 149 9.31 2.77 -4.39
C ARG D 149 9.60 1.32 -3.99
N ASN D 150 8.60 0.43 -4.05
CA ASN D 150 8.80 -0.95 -3.67
C ASN D 150 9.09 -1.86 -4.87
N GLY D 151 9.30 -1.28 -6.06
CA GLY D 151 9.66 -2.03 -7.24
C GLY D 151 8.51 -2.50 -8.08
N LYS D 152 7.29 -2.52 -7.54
CA LYS D 152 6.15 -3.01 -8.31
C LYS D 152 5.83 -2.05 -9.44
N THR D 153 5.52 -2.61 -10.61
CA THR D 153 5.25 -1.78 -11.76
C THR D 153 3.75 -1.64 -11.96
N SER D 154 3.33 -0.48 -12.46
CA SER D 154 1.91 -0.21 -12.63
C SER D 154 1.35 -0.81 -13.90
N LYS D 155 2.21 -1.15 -14.85
CA LYS D 155 1.85 -1.95 -16.00
C LYS D 155 2.99 -2.94 -16.23
N LYS D 156 2.69 -4.01 -16.97
CA LYS D 156 3.67 -5.07 -17.14
C LYS D 156 4.66 -4.67 -18.23
N ILE D 157 5.93 -4.60 -17.87
CA ILE D 157 6.99 -4.14 -18.77
C ILE D 157 7.74 -5.38 -19.25
N THR D 158 7.67 -5.67 -20.55
CA THR D 158 8.29 -6.89 -21.07
C THR D 158 9.28 -6.59 -22.17
N ILE D 159 10.13 -7.60 -22.40
CA ILE D 159 11.04 -7.63 -23.55
C ILE D 159 10.24 -8.35 -24.64
N ALA D 160 9.57 -7.57 -25.48
CA ALA D 160 8.71 -8.14 -26.51
C ALA D 160 9.54 -8.79 -27.61
N ASP D 161 10.72 -8.25 -27.89
CA ASP D 161 11.65 -8.84 -28.84
C ASP D 161 13.04 -8.44 -28.41
N CYS D 162 14.03 -9.20 -28.86
CA CYS D 162 15.41 -8.90 -28.56
C CYS D 162 16.29 -9.64 -29.55
N GLY D 163 17.53 -9.18 -29.67
CA GLY D 163 18.44 -9.76 -30.62
C GLY D 163 19.72 -8.96 -30.70
N GLN D 164 20.53 -9.30 -31.69
CA GLN D 164 21.84 -8.69 -31.89
C GLN D 164 21.82 -7.82 -33.14
N LEU D 165 22.39 -6.63 -33.02
CA LEU D 165 22.54 -5.72 -34.16
C LEU D 165 23.96 -5.84 -34.67
N GLU D 166 24.11 -6.19 -35.94
CA GLU D 166 25.44 -6.24 -36.53
C GLU D 166 25.88 -4.83 -36.87
PG GNP E . 12.39 -11.48 1.81
O1G GNP E . 11.28 -10.47 1.70
O2G GNP E . 13.43 -11.14 2.86
O3G GNP E . 13.04 -11.62 0.41
N3B GNP E . 11.75 -13.03 2.12
PB GNP E . 10.61 -13.31 3.28
O1B GNP E . 11.23 -13.47 4.63
O2B GNP E . 9.49 -12.30 3.26
O3A GNP E . 9.98 -14.77 2.88
PA GNP E . 8.56 -15.02 2.19
O1A GNP E . 7.47 -14.71 3.20
O2A GNP E . 8.53 -14.36 0.88
O5' GNP E . 8.61 -16.59 2.04
C5' GNP E . 9.69 -17.24 1.32
C4' GNP E . 9.19 -18.56 0.81
O4' GNP E . 8.94 -19.44 1.92
C3' GNP E . 7.90 -18.53 0.00
O3' GNP E . 7.96 -19.54 -1.00
C2' GNP E . 6.83 -18.86 1.04
O2' GNP E . 5.67 -19.46 0.47
C1' GNP E . 7.58 -19.86 1.91
N9 GNP E . 7.12 -19.88 3.31
C8 GNP E . 7.01 -18.80 4.15
N7 GNP E . 6.56 -19.13 5.35
C5 GNP E . 6.39 -20.52 5.26
C6 GNP E . 5.93 -21.47 6.24
O6 GNP E . 5.59 -21.25 7.40
N1 GNP E . 5.91 -22.75 5.74
C2 GNP E . 6.27 -23.11 4.47
N2 GNP E . 6.17 -24.40 4.15
N3 GNP E . 6.70 -22.24 3.56
C4 GNP E . 6.74 -20.97 4.02
MG MG F . 9.31 -10.53 2.22
CL CL G . 21.18 -4.20 -3.30
PG GNP H . -11.85 12.58 0.44
O1G GNP H . -10.72 11.61 0.44
O2G GNP H . -12.01 13.22 1.81
O3G GNP H . -13.16 11.91 -0.07
N3B GNP H . -11.49 13.79 -0.70
PB GNP H . -10.02 14.50 -0.91
O1B GNP H . -9.87 15.69 0.00
O2B GNP H . -8.89 13.50 -0.79
O3A GNP H . -10.14 15.13 -2.42
PA GNP H . -9.42 14.57 -3.72
O1A GNP H . -7.91 14.76 -3.56
O2A GNP H . -9.91 13.18 -4.05
O5' GNP H . -9.93 15.59 -4.79
C5' GNP H . -11.34 15.81 -5.01
C4' GNP H . -11.52 16.35 -6.42
O4' GNP H . -10.92 17.66 -6.50
C3' GNP H . -10.88 15.53 -7.53
O3' GNP H . -11.66 15.63 -8.72
C2' GNP H . -9.53 16.22 -7.73
O2' GNP H . -9.02 16.06 -9.06
C1' GNP H . -9.92 17.68 -7.50
N9 GNP H . -8.81 18.50 -7.01
C8 GNP H . -8.03 18.25 -5.91
N7 GNP H . -7.11 19.18 -5.72
C5 GNP H . -7.31 20.07 -6.75
C6 GNP H . -6.63 21.31 -7.07
O6 GNP H . -5.67 21.81 -6.46
N1 GNP H . -7.16 21.90 -8.20
C2 GNP H . -8.21 21.42 -8.94
N2 GNP H . -8.59 22.12 -10.00
N3 GNP H . -8.85 20.28 -8.64
C4 GNP H . -8.36 19.68 -7.54
MG MG I . -8.86 11.47 -0.44
CL CL J . -20.04 6.00 7.16
C1 A1AZV K . -19.82 3.47 4.55
C10 A1AZV K . -16.44 3.04 8.34
C11 A1AZV K . -15.22 3.87 8.06
C12 A1AZV K . -14.02 3.82 8.74
C13 A1AZV K . -13.67 2.97 9.89
C14 A1AZV K . -12.65 1.98 9.83
C15 A1AZV K . -11.87 1.71 8.56
C16 A1AZV K . -11.84 0.24 8.20
C17 A1AZV K . -9.77 2.39 7.62
C18 A1AZV K . -13.00 1.42 12.03
C19 A1AZV K . -13.99 2.36 12.19
C2 A1AZV K . -20.75 2.34 4.98
C20 A1AZV K . -14.32 3.14 11.10
C21 A1AZV K . -11.82 5.11 8.70
C22 A1AZV K . -11.95 6.20 9.74
C23 A1AZV K . -13.81 5.45 7.19
C24 A1AZV K . -15.09 4.89 7.06
C25 A1AZV K . -15.94 5.40 6.09
C26 A1AZV K . -15.52 6.43 5.26
C27 A1AZV K . -14.22 6.95 5.40
C28 A1AZV K . -13.35 6.47 6.37
C29 A1AZV K . -16.40 6.97 4.19
C3 A1AZV K . -22.22 2.69 4.75
C30 A1AZV K . -15.87 7.61 3.08
C31 A1AZV K . -16.71 8.08 2.08
C32 A1AZV K . -18.08 7.93 2.19
C33 A1AZV K . -18.63 7.31 3.30
C34 A1AZV K . -17.79 6.81 4.28
C35 A1AZV K . -20.12 7.10 3.39
C36 A1AZV K . -20.64 6.36 2.14
C37 A1AZV K . -20.51 7.30 -0.10
C38 A1AZV K . -20.89 8.47 -1.00
C39 A1AZV K . -21.56 8.03 -2.31
C4 A1AZV K . -22.43 3.13 3.32
C40 A1AZV K . -22.87 7.26 -2.08
C41 A1AZV K . -23.95 8.21 -2.55
C42 A1AZV K . -23.32 8.82 -3.75
C43 A1AZV K . -21.93 9.19 -3.23
C44 A1AZV K . -18.68 8.99 -2.11
C45 A1AZV K . -19.58 10.37 -0.27
C46 A1AZV K . -18.40 11.27 -0.43
C47 A1AZV K . -21.77 5.43 2.51
C5 A1AZV K . -18.40 2.99 4.63
C6 A1AZV K . -16.77 2.04 6.06
C7 A1AZV K . -16.63 1.74 7.54
C8 A1AZV K . -17.91 1.07 8.05
C9 A1AZV K . -15.47 0.78 7.78
N1 A1AZV K . -21.44 4.18 2.99
N2 A1AZV K . -20.08 3.85 3.15
N3 A1AZV K . -12.34 1.22 10.89
N4 A1AZV K . -13.15 4.77 8.20
N5 A1AZV K . -21.05 7.30 1.11
N6 A1AZV K . -19.70 9.32 -1.12
O1 A1AZV K . -17.68 2.83 3.67
O2 A1AZV K . -18.05 2.73 5.88
O3 A1AZV K . -10.52 2.13 8.81
O4 A1AZV K . -16.18 8.72 0.99
O5 A1AZV K . -20.41 10.56 0.63
O6 A1AZV K . -19.73 6.44 -0.50
O7 A1AZV K . -22.94 5.75 2.33
C1 A1AZV L . 19.01 -4.12 -6.27
C10 A1AZV L . 18.17 -0.42 -2.80
C11 A1AZV L . 17.22 -0.90 -1.73
C12 A1AZV L . 16.60 -0.13 -0.77
C13 A1AZV L . 16.74 1.33 -0.57
C14 A1AZV L . 15.68 2.23 -0.78
C15 A1AZV L . 14.29 1.77 -1.18
C16 A1AZV L . 13.75 2.57 -2.35
C17 A1AZV L . 12.18 1.35 -0.16
C18 A1AZV L . 17.04 4.00 -0.21
C19 A1AZV L . 18.12 3.20 0.01
C2 A1AZV L . 19.78 -3.25 -7.26
C20 A1AZV L . 17.96 1.85 -0.18
C21 A1AZV L . 15.11 -0.53 1.24
C22 A1AZV L . 16.02 -0.69 2.43
C23 A1AZV L . 15.97 -2.26 -0.36
C24 A1AZV L . 16.82 -2.26 -1.49
C25 A1AZV L . 17.11 -3.48 -2.10
C26 A1AZV L . 16.55 -4.66 -1.62
C27 A1AZV L . 15.69 -4.62 -0.50
C28 A1AZV L . 15.39 -3.42 0.14
C29 A1AZV L . 16.82 -5.96 -2.29
C3 A1AZV L . 20.95 -4.00 -7.88
C30 A1AZV L . 15.92 -7.02 -2.17
C31 A1AZV L . 16.18 -8.22 -2.84
C32 A1AZV L . 17.32 -8.36 -3.61
C33 A1AZV L . 18.22 -7.32 -3.73
C34 A1AZV L . 17.96 -6.13 -3.08
C35 A1AZV L . 19.45 -7.48 -4.59
C36 A1AZV L . 19.06 -7.95 -6.00
C37 A1AZV L . 17.98 -10.09 -6.46
C38 A1AZV L . 18.09 -11.59 -6.31
C39 A1AZV L . 17.81 -12.31 -7.63
C4 A1AZV L . 20.46 -5.31 -8.46
C40 A1AZV L . 18.80 -11.94 -8.75
C41 A1AZV L . 19.63 -13.20 -8.94
C42 A1AZV L . 18.59 -14.27 -8.79
C43 A1AZV L . 17.89 -13.84 -7.52
C44 A1AZV L . 15.77 -12.07 -5.43
C45 A1AZV L . 17.78 -12.15 -3.98
C46 A1AZV L . 16.89 -12.57 -2.84
C47 A1AZV L . 19.96 -7.31 -7.05
C5 A1AZV L . 17.78 -3.37 -5.82
C6 A1AZV L . 17.01 -1.36 -4.83
C7 A1AZV L . 17.61 -0.12 -4.20
C8 A1AZV L . 18.77 0.38 -5.07
C9 A1AZV L . 16.55 0.99 -4.12
N1 A1AZV L . 19.67 -6.03 -7.45
N2 A1AZV L . 18.56 -5.36 -6.91
N3 A1AZV L . 15.84 3.55 -0.58
N4 A1AZV L . 15.82 -0.95 0.04
N5 A1AZV L . 19.08 -9.40 -6.10
N6 A1AZV L . 17.21 -11.99 -5.20
O1 A1AZV L . 16.66 -3.71 -6.08
O2 A1AZV L . 18.11 -2.27 -5.15
O3 A1AZV L . 13.43 2.01 -0.07
O4 A1AZV L . 15.29 -9.25 -2.73
O5 A1AZV L . 18.98 -11.97 -3.83
O6 A1AZV L . 16.95 -9.56 -6.86
O7 A1AZV L . 20.89 -7.93 -7.55
#